data_1NLM
#
_entry.id   1NLM
#
_cell.length_a   66.703
_cell.length_b   83.651
_cell.length_c   146.245
_cell.angle_alpha   90.00
_cell.angle_beta   90.00
_cell.angle_gamma   90.00
#
_symmetry.space_group_name_H-M   'P 21 21 21'
#
loop_
_entity.id
_entity.type
_entity.pdbx_description
1 polymer 'UDP-N-acetylglucosamine--N-acetylmuramyl-(pentapeptide) pyrophosphoryl-undecaprenol N-acetylglucosamine transferase'
2 non-polymer URIDINE-DIPHOSPHATE-N-ACETYLGLUCOSAMINE
3 non-polymer GLYCEROL
4 water water
#
_entity_poly.entity_id   1
_entity_poly.type   'polypeptide(L)'
_entity_poly.pdbx_seq_one_letter_code
;MMSGQGKRLMVMAGGTGGHVFPGLAVAHHLMAQGWQVRWLGTADRMEADLVPKHGIEIDFIRISGLRGKGIKALIAAPLR
IFNAWRQARAIMKAYKPDVVLGMGGYVSGPGGLAAWSLGIPVVLHEQNGIAGLTNKWLAKIATKVMQAFPGAFPNAEVVG
NPVRTDVLALPLPQQRLAGREGPVRVLVVGGSQGARILNQTMPQVAAKLGDSVTIWHQSGKGSQQSVEQAYAEAGQPQHK
VTEFIDDMAAAYAWADVVVCRSGALTVSEIAAAGLPALFVPFQHKDRQQYWNALPLEKAGAAKIIEQPQLSVDAVANTLA
GWSRETLLTMAERARAASIPDATERVANEVSRVARALEHHHHHH
;
_entity_poly.pdbx_strand_id   A,B
#
# COMPACT_ATOMS: atom_id res chain seq x y z
N LYS A 7 21.33 -5.14 -15.79
CA LYS A 7 20.19 -5.40 -14.86
C LYS A 7 20.46 -6.62 -14.01
N ARG A 8 20.43 -6.42 -12.68
CA ARG A 8 20.70 -7.49 -11.72
C ARG A 8 19.46 -7.80 -10.86
N LEU A 9 19.32 -9.07 -10.47
CA LEU A 9 18.19 -9.51 -9.65
C LEU A 9 18.60 -10.42 -8.52
N MET A 10 17.91 -10.29 -7.39
CA MET A 10 18.18 -11.16 -6.26
C MET A 10 16.87 -11.87 -5.88
N VAL A 11 16.86 -13.19 -6.01
CA VAL A 11 15.68 -13.97 -5.65
C VAL A 11 15.83 -14.34 -4.19
N MET A 12 14.75 -14.12 -3.44
CA MET A 12 14.73 -14.43 -2.01
C MET A 12 13.72 -15.55 -1.76
N ALA A 13 14.24 -16.76 -1.53
CA ALA A 13 13.39 -17.92 -1.31
C ALA A 13 14.23 -19.04 -0.70
N GLY A 14 13.61 -19.84 0.16
CA GLY A 14 14.33 -20.94 0.78
C GLY A 14 13.44 -21.76 1.69
N GLY A 15 14.02 -22.77 2.33
CA GLY A 15 13.25 -23.61 3.24
C GLY A 15 12.61 -24.79 2.56
N THR A 16 11.80 -24.54 1.55
CA THR A 16 11.11 -25.62 0.84
C THR A 16 11.16 -25.46 -0.65
N GLY A 17 10.91 -26.55 -1.35
CA GLY A 17 10.90 -26.54 -2.80
C GLY A 17 9.71 -25.76 -3.30
N GLY A 18 8.68 -25.64 -2.45
CA GLY A 18 7.51 -24.89 -2.83
C GLY A 18 7.92 -23.47 -3.19
N HIS A 19 8.90 -22.92 -2.47
CA HIS A 19 9.37 -21.58 -2.73
C HIS A 19 10.57 -21.56 -3.67
N VAL A 20 11.45 -22.56 -3.55
CA VAL A 20 12.65 -22.62 -4.38
C VAL A 20 12.46 -22.93 -5.87
N PHE A 21 11.71 -23.98 -6.18
CA PHE A 21 11.52 -24.35 -7.58
C PHE A 21 10.85 -23.26 -8.42
N PRO A 22 9.77 -22.67 -7.92
CA PRO A 22 9.18 -21.64 -8.79
C PRO A 22 10.20 -20.51 -8.97
N GLY A 23 11.07 -20.34 -7.98
CA GLY A 23 12.08 -19.29 -8.05
C GLY A 23 13.17 -19.58 -9.07
N LEU A 24 13.72 -20.80 -9.02
CA LEU A 24 14.77 -21.19 -9.97
C LEU A 24 14.22 -21.07 -11.38
N ALA A 25 12.96 -21.42 -11.55
CA ALA A 25 12.32 -21.35 -12.86
C ALA A 25 12.29 -19.94 -13.39
N VAL A 26 11.82 -18.99 -12.58
CA VAL A 26 11.78 -17.60 -13.05
C VAL A 26 13.19 -17.07 -13.29
N ALA A 27 14.12 -17.48 -12.43
CA ALA A 27 15.50 -17.05 -12.58
C ALA A 27 16.09 -17.48 -13.94
N HIS A 28 16.24 -18.80 -14.15
CA HIS A 28 16.78 -19.32 -15.41
C HIS A 28 16.17 -18.62 -16.61
N HIS A 29 14.88 -18.34 -16.51
CA HIS A 29 14.17 -17.67 -17.57
C HIS A 29 14.75 -16.28 -17.84
N LEU A 30 15.07 -15.53 -16.78
CA LEU A 30 15.63 -14.18 -16.96
C LEU A 30 17.12 -14.23 -17.28
N MET A 31 17.81 -15.27 -16.84
CA MET A 31 19.24 -15.38 -17.14
C MET A 31 19.39 -15.54 -18.65
N ALA A 32 18.43 -16.23 -19.27
CA ALA A 32 18.45 -16.44 -20.70
C ALA A 32 18.14 -15.12 -21.41
N GLN A 33 17.62 -14.15 -20.66
CA GLN A 33 17.32 -12.84 -21.21
C GLN A 33 18.48 -11.88 -20.97
N GLY A 34 19.53 -12.38 -20.32
CA GLY A 34 20.71 -11.57 -20.05
C GLY A 34 20.86 -11.03 -18.65
N TRP A 35 19.91 -11.32 -17.77
CA TRP A 35 19.99 -10.83 -16.40
C TRP A 35 21.07 -11.51 -15.60
N GLN A 36 21.48 -10.83 -14.52
CA GLN A 36 22.45 -11.34 -13.59
C GLN A 36 21.59 -11.69 -12.37
N VAL A 37 21.55 -12.96 -12.01
CA VAL A 37 20.75 -13.38 -10.87
C VAL A 37 21.61 -13.88 -9.73
N ARG A 38 21.24 -13.48 -8.52
CA ARG A 38 21.94 -13.89 -7.31
C ARG A 38 20.86 -14.36 -6.35
N TRP A 39 21.20 -15.31 -5.48
CA TRP A 39 20.22 -15.86 -4.55
C TRP A 39 20.48 -15.49 -3.10
N LEU A 40 19.42 -15.36 -2.32
CA LEU A 40 19.53 -15.03 -0.90
C LEU A 40 18.84 -16.14 -0.13
N GLY A 41 19.62 -17.00 0.51
CA GLY A 41 19.03 -18.08 1.27
C GLY A 41 19.75 -18.32 2.59
N THR A 42 19.51 -19.49 3.17
CA THR A 42 20.14 -19.87 4.44
C THR A 42 20.91 -21.16 4.23
N ALA A 43 22.11 -21.23 4.81
CA ALA A 43 22.98 -22.39 4.67
C ALA A 43 22.42 -23.71 5.18
N ASP A 44 21.77 -23.70 6.34
CA ASP A 44 21.24 -24.93 6.90
C ASP A 44 19.97 -25.42 6.25
N ARG A 45 19.69 -24.97 5.02
CA ARG A 45 18.48 -25.40 4.34
C ARG A 45 18.68 -25.76 2.87
N MET A 46 17.64 -26.39 2.32
CA MET A 46 17.60 -26.86 0.94
C MET A 46 18.25 -26.04 -0.16
N GLU A 47 18.00 -24.73 -0.20
CA GLU A 47 18.58 -23.90 -1.26
C GLU A 47 20.09 -23.91 -1.24
N ALA A 48 20.68 -24.20 -0.09
CA ALA A 48 22.13 -24.22 0.04
C ALA A 48 22.80 -25.13 -1.00
N ASP A 49 22.23 -26.31 -1.20
CA ASP A 49 22.76 -27.30 -2.13
C ASP A 49 22.17 -27.22 -3.54
N LEU A 50 20.87 -26.92 -3.61
CA LEU A 50 20.15 -26.84 -4.88
C LEU A 50 20.52 -25.68 -5.80
N VAL A 51 20.48 -24.46 -5.29
CA VAL A 51 20.78 -23.31 -6.13
C VAL A 51 22.12 -23.43 -6.86
N PRO A 52 23.20 -23.75 -6.13
CA PRO A 52 24.53 -23.88 -6.74
C PRO A 52 24.50 -24.77 -7.98
N LYS A 53 23.84 -25.93 -7.85
CA LYS A 53 23.73 -26.87 -8.97
C LYS A 53 22.98 -26.27 -10.15
N HIS A 54 22.56 -25.00 -10.01
CA HIS A 54 21.84 -24.31 -11.09
C HIS A 54 22.67 -23.16 -11.66
N GLY A 55 23.93 -23.07 -11.19
CA GLY A 55 24.82 -22.03 -11.67
C GLY A 55 24.44 -20.64 -11.23
N ILE A 56 23.87 -20.53 -10.03
CA ILE A 56 23.47 -19.24 -9.49
C ILE A 56 24.14 -19.06 -8.15
N GLU A 57 24.88 -17.96 -7.99
CA GLU A 57 25.58 -17.72 -6.74
C GLU A 57 24.53 -17.47 -5.66
N ILE A 58 24.88 -17.78 -4.43
CA ILE A 58 23.96 -17.60 -3.33
C ILE A 58 24.63 -17.11 -2.06
N ASP A 59 24.16 -15.97 -1.57
CA ASP A 59 24.67 -15.39 -0.34
C ASP A 59 23.78 -15.91 0.79
N PHE A 60 24.37 -16.19 1.95
CA PHE A 60 23.59 -16.70 3.07
C PHE A 60 23.53 -15.73 4.23
N ILE A 61 22.54 -15.93 5.09
CA ILE A 61 22.35 -15.14 6.29
C ILE A 61 21.75 -16.09 7.31
N ARG A 62 21.78 -15.71 8.58
CA ARG A 62 21.22 -16.56 9.64
C ARG A 62 19.95 -15.91 10.17
N ILE A 63 18.89 -16.71 10.29
CA ILE A 63 17.61 -16.23 10.79
C ILE A 63 17.16 -17.12 11.94
N SER A 64 18.11 -17.46 12.80
CA SER A 64 17.89 -18.32 13.95
C SER A 64 16.51 -18.24 14.60
N GLY A 65 16.39 -17.38 15.61
CA GLY A 65 15.13 -17.23 16.32
C GLY A 65 14.06 -16.52 15.53
N LEU A 66 14.05 -16.74 14.22
CA LEU A 66 13.07 -16.10 13.37
C LEU A 66 12.12 -17.14 12.81
N ARG A 67 12.54 -18.40 12.82
CA ARG A 67 11.73 -19.49 12.32
C ARG A 67 10.48 -19.68 13.19
N GLY A 68 9.34 -19.88 12.54
CA GLY A 68 8.10 -20.08 13.25
C GLY A 68 7.69 -18.86 14.06
N LYS A 69 7.44 -17.75 13.36
CA LYS A 69 7.03 -16.51 14.01
C LYS A 69 5.67 -16.06 13.49
N GLY A 70 4.71 -15.92 14.39
CA GLY A 70 3.36 -15.55 14.01
C GLY A 70 2.99 -14.08 13.89
N ILE A 71 3.94 -13.26 13.44
CA ILE A 71 3.71 -11.82 13.27
C ILE A 71 3.48 -11.12 14.61
N LYS A 72 2.71 -11.75 15.49
CA LYS A 72 2.46 -11.16 16.80
C LYS A 72 3.75 -11.31 17.59
N ALA A 73 4.61 -12.20 17.12
CA ALA A 73 5.91 -12.45 17.75
C ALA A 73 6.88 -11.39 17.27
N LEU A 74 6.71 -10.97 16.01
CA LEU A 74 7.55 -9.93 15.43
C LEU A 74 7.08 -8.59 16.00
N ILE A 75 5.77 -8.35 16.01
CA ILE A 75 5.23 -7.12 16.58
C ILE A 75 5.66 -7.09 18.04
N ALA A 76 5.54 -8.24 18.69
CA ALA A 76 5.90 -8.35 20.11
C ALA A 76 7.38 -8.10 20.34
N ALA A 77 8.23 -8.55 19.41
CA ALA A 77 9.68 -8.34 19.54
C ALA A 77 10.35 -8.15 18.18
N PRO A 78 10.52 -6.89 17.75
CA PRO A 78 11.15 -6.57 16.46
C PRO A 78 12.63 -6.91 16.40
N LEU A 79 13.35 -6.63 17.48
CA LEU A 79 14.77 -6.89 17.61
C LEU A 79 15.28 -8.13 16.88
N ARG A 80 14.54 -9.22 17.00
CA ARG A 80 14.90 -10.49 16.38
C ARG A 80 15.18 -10.42 14.88
N ILE A 81 14.45 -9.56 14.18
CA ILE A 81 14.64 -9.45 12.75
C ILE A 81 15.76 -8.46 12.38
N PHE A 82 16.15 -7.65 13.36
CA PHE A 82 17.20 -6.64 13.17
C PHE A 82 18.53 -7.16 12.66
N ASN A 83 18.93 -8.35 13.11
CA ASN A 83 20.20 -8.91 12.65
C ASN A 83 20.15 -9.21 11.16
N ALA A 84 19.23 -10.10 10.77
CA ALA A 84 19.05 -10.50 9.38
C ALA A 84 18.86 -9.28 8.47
N TRP A 85 18.08 -8.31 8.95
CA TRP A 85 17.82 -7.10 8.19
C TRP A 85 19.18 -6.49 7.88
N ARG A 86 20.00 -6.39 8.91
CA ARG A 86 21.33 -5.81 8.83
C ARG A 86 22.14 -6.59 7.80
N GLN A 87 22.20 -7.91 7.99
CA GLN A 87 22.95 -8.77 7.10
C GLN A 87 22.49 -8.64 5.64
N ALA A 88 21.18 -8.58 5.42
CA ALA A 88 20.67 -8.45 4.06
C ALA A 88 21.12 -7.12 3.44
N ARG A 89 20.92 -6.01 4.16
CA ARG A 89 21.34 -4.70 3.67
C ARG A 89 22.78 -4.74 3.23
N ALA A 90 23.57 -5.53 3.94
CA ALA A 90 24.98 -5.66 3.62
C ALA A 90 25.12 -6.32 2.24
N ILE A 91 24.49 -7.47 2.07
CA ILE A 91 24.55 -8.19 0.80
C ILE A 91 24.12 -7.31 -0.36
N MET A 92 23.00 -6.60 -0.19
CA MET A 92 22.49 -5.71 -1.23
C MET A 92 23.27 -4.42 -1.30
N LYS A 93 24.09 -4.16 -0.28
CA LYS A 93 24.92 -2.97 -0.28
C LYS A 93 26.03 -3.29 -1.29
N ALA A 94 26.46 -4.55 -1.27
CA ALA A 94 27.51 -5.01 -2.16
C ALA A 94 27.07 -5.47 -3.55
N TYR A 95 25.89 -6.08 -3.67
CA TYR A 95 25.40 -6.57 -4.96
C TYR A 95 24.57 -5.58 -5.75
N LYS A 96 24.17 -4.48 -5.11
CA LYS A 96 23.37 -3.46 -5.77
C LYS A 96 22.34 -4.04 -6.74
N PRO A 97 21.33 -4.75 -6.23
CA PRO A 97 20.30 -5.34 -7.08
C PRO A 97 19.39 -4.24 -7.61
N ASP A 98 18.84 -4.44 -8.80
CA ASP A 98 17.92 -3.45 -9.37
C ASP A 98 16.51 -3.72 -8.88
N VAL A 99 16.28 -4.96 -8.47
CA VAL A 99 14.99 -5.42 -8.00
C VAL A 99 15.16 -6.76 -7.30
N VAL A 100 14.32 -7.01 -6.30
CA VAL A 100 14.37 -8.26 -5.56
C VAL A 100 13.04 -8.99 -5.75
N LEU A 101 13.11 -10.32 -5.84
CA LEU A 101 11.93 -11.13 -6.04
C LEU A 101 11.77 -12.08 -4.86
N GLY A 102 10.70 -11.88 -4.09
CA GLY A 102 10.46 -12.73 -2.94
C GLY A 102 9.42 -13.78 -3.27
N MET A 103 9.77 -15.04 -3.02
CA MET A 103 8.88 -16.17 -3.31
C MET A 103 8.26 -16.76 -2.04
N GLY A 104 8.54 -16.13 -0.90
CA GLY A 104 8.00 -16.64 0.34
C GLY A 104 9.06 -17.37 1.16
N GLY A 105 8.73 -17.61 2.42
CA GLY A 105 9.66 -18.28 3.30
C GLY A 105 10.28 -17.28 4.26
N TYR A 106 10.73 -17.76 5.40
CA TYR A 106 11.32 -16.91 6.41
C TYR A 106 12.47 -16.02 5.91
N VAL A 107 13.30 -16.53 5.02
CA VAL A 107 14.41 -15.73 4.55
C VAL A 107 13.94 -14.53 3.74
N SER A 108 12.66 -14.51 3.41
CA SER A 108 12.07 -13.43 2.60
C SER A 108 11.78 -12.17 3.42
N GLY A 109 11.57 -12.33 4.73
CA GLY A 109 11.28 -11.19 5.58
C GLY A 109 12.41 -10.17 5.63
N PRO A 110 13.59 -10.59 6.12
CA PRO A 110 14.75 -9.70 6.20
C PRO A 110 15.03 -9.07 4.83
N GLY A 111 15.23 -9.93 3.84
CA GLY A 111 15.52 -9.45 2.50
C GLY A 111 14.54 -8.42 1.97
N GLY A 112 13.25 -8.63 2.22
CA GLY A 112 12.25 -7.68 1.75
C GLY A 112 12.40 -6.35 2.46
N LEU A 113 12.46 -6.39 3.79
CA LEU A 113 12.62 -5.19 4.58
C LEU A 113 13.88 -4.45 4.14
N ALA A 114 14.94 -5.21 3.88
CA ALA A 114 16.21 -4.65 3.45
C ALA A 114 16.09 -3.95 2.10
N ALA A 115 15.49 -4.64 1.13
CA ALA A 115 15.32 -4.07 -0.20
C ALA A 115 14.57 -2.75 -0.10
N TRP A 116 13.51 -2.77 0.68
CA TRP A 116 12.65 -1.61 0.90
C TRP A 116 13.34 -0.45 1.63
N SER A 117 14.22 -0.78 2.58
CA SER A 117 14.93 0.26 3.33
C SER A 117 15.96 0.95 2.44
N LEU A 118 16.44 0.24 1.43
CA LEU A 118 17.42 0.79 0.51
C LEU A 118 16.76 1.45 -0.71
N GLY A 119 15.43 1.38 -0.78
CA GLY A 119 14.74 1.99 -1.90
C GLY A 119 14.72 1.09 -3.13
N ILE A 120 15.01 -0.19 -2.94
CA ILE A 120 15.01 -1.15 -4.02
C ILE A 120 13.61 -1.78 -4.11
N PRO A 121 13.01 -1.76 -5.30
CA PRO A 121 11.66 -2.32 -5.48
C PRO A 121 11.61 -3.79 -5.09
N VAL A 122 10.53 -4.19 -4.43
CA VAL A 122 10.37 -5.58 -4.02
C VAL A 122 9.10 -6.19 -4.64
N VAL A 123 9.27 -7.31 -5.33
CA VAL A 123 8.17 -8.02 -5.99
C VAL A 123 7.92 -9.34 -5.28
N LEU A 124 6.64 -9.67 -5.12
CA LEU A 124 6.27 -10.91 -4.42
C LEU A 124 5.38 -11.89 -5.18
N HIS A 125 5.68 -13.18 -5.04
CA HIS A 125 4.88 -14.22 -5.65
C HIS A 125 4.39 -15.18 -4.54
N GLU A 126 3.08 -15.39 -4.46
CA GLU A 126 2.49 -16.27 -3.45
C GLU A 126 2.00 -17.52 -4.17
N GLN A 127 2.53 -18.67 -3.76
CA GLN A 127 2.17 -19.90 -4.43
C GLN A 127 0.88 -20.58 -4.01
N ASN A 128 0.41 -20.30 -2.79
CA ASN A 128 -0.81 -20.94 -2.26
C ASN A 128 -2.07 -20.08 -2.11
N GLY A 129 -3.20 -20.78 -1.99
CA GLY A 129 -4.49 -20.12 -1.82
C GLY A 129 -4.55 -19.28 -0.57
N ILE A 130 -3.71 -19.61 0.42
CA ILE A 130 -3.65 -18.86 1.67
C ILE A 130 -2.26 -18.28 1.84
N ALA A 131 -2.19 -16.95 1.94
CA ALA A 131 -0.91 -16.26 2.11
C ALA A 131 -0.17 -16.85 3.29
N GLY A 132 1.11 -17.15 3.07
CA GLY A 132 1.94 -17.74 4.10
C GLY A 132 2.52 -16.77 5.11
N LEU A 133 3.46 -17.29 5.88
CA LEU A 133 4.16 -16.55 6.92
C LEU A 133 4.54 -15.10 6.58
N THR A 134 5.79 -14.91 6.15
CA THR A 134 6.31 -13.59 5.82
C THR A 134 5.57 -12.85 4.71
N ASN A 135 5.06 -13.57 3.71
CA ASN A 135 4.36 -12.94 2.59
C ASN A 135 3.19 -12.08 3.03
N LYS A 136 2.51 -12.49 4.08
CA LYS A 136 1.36 -11.75 4.56
C LYS A 136 1.77 -10.35 5.01
N TRP A 137 2.79 -10.25 5.84
CA TRP A 137 3.24 -8.96 6.34
C TRP A 137 4.25 -8.24 5.45
N LEU A 138 4.89 -8.99 4.56
CA LEU A 138 5.88 -8.43 3.66
C LEU A 138 5.19 -7.72 2.50
N ALA A 139 3.92 -8.06 2.27
CA ALA A 139 3.16 -7.46 1.19
C ALA A 139 3.04 -5.96 1.41
N LYS A 140 2.90 -5.58 2.68
CA LYS A 140 2.75 -4.19 3.06
C LYS A 140 3.79 -3.27 2.41
N ILE A 141 5.03 -3.73 2.34
CA ILE A 141 6.10 -2.92 1.75
C ILE A 141 6.49 -3.36 0.34
N ALA A 142 5.60 -4.04 -0.35
CA ALA A 142 5.89 -4.52 -1.70
C ALA A 142 5.48 -3.57 -2.80
N THR A 143 6.22 -3.59 -3.91
CA THR A 143 5.89 -2.74 -5.03
C THR A 143 4.86 -3.44 -5.90
N LYS A 144 4.97 -4.76 -6.02
CA LYS A 144 4.03 -5.54 -6.83
C LYS A 144 3.80 -6.93 -6.24
N VAL A 145 2.54 -7.35 -6.17
CA VAL A 145 2.23 -8.67 -5.66
C VAL A 145 1.47 -9.49 -6.70
N MET A 146 1.79 -10.78 -6.74
CA MET A 146 1.18 -11.72 -7.67
C MET A 146 0.89 -13.01 -6.89
N GLN A 147 -0.15 -13.72 -7.28
CA GLN A 147 -0.51 -14.97 -6.62
C GLN A 147 -0.87 -16.07 -7.63
N ALA A 148 -0.73 -17.32 -7.21
CA ALA A 148 -1.02 -18.45 -8.08
C ALA A 148 -2.52 -18.58 -8.34
N PHE A 149 -3.29 -18.56 -7.26
CA PHE A 149 -4.75 -18.68 -7.36
C PHE A 149 -5.37 -17.47 -6.67
N PRO A 150 -6.65 -17.18 -6.95
CA PRO A 150 -7.35 -16.04 -6.35
C PRO A 150 -7.62 -16.21 -4.85
N GLY A 151 -7.77 -15.09 -4.14
CA GLY A 151 -8.08 -15.17 -2.71
C GLY A 151 -6.94 -15.08 -1.72
N ALA A 152 -5.70 -15.32 -2.16
CA ALA A 152 -4.58 -15.23 -1.22
C ALA A 152 -4.54 -13.77 -0.76
N PHE A 153 -4.68 -12.86 -1.71
CA PHE A 153 -4.70 -11.42 -1.45
C PHE A 153 -5.85 -10.82 -2.24
N PRO A 154 -6.55 -9.83 -1.66
CA PRO A 154 -7.69 -9.14 -2.28
C PRO A 154 -7.45 -8.64 -3.71
N ASN A 155 -6.62 -7.61 -3.85
CA ASN A 155 -6.32 -7.04 -5.16
C ASN A 155 -4.95 -7.42 -5.69
N ALA A 156 -4.73 -8.70 -5.95
CA ALA A 156 -3.44 -9.16 -6.46
C ALA A 156 -3.63 -9.94 -7.75
N GLU A 157 -2.80 -9.64 -8.74
CA GLU A 157 -2.91 -10.31 -10.02
C GLU A 157 -2.74 -11.83 -9.91
N VAL A 158 -3.58 -12.58 -10.60
CA VAL A 158 -3.52 -14.03 -10.61
C VAL A 158 -2.69 -14.44 -11.83
N VAL A 159 -1.49 -14.94 -11.57
CA VAL A 159 -0.58 -15.37 -12.64
C VAL A 159 -0.28 -16.87 -12.62
N GLY A 160 -0.72 -17.56 -11.57
CA GLY A 160 -0.48 -18.99 -11.47
C GLY A 160 0.93 -19.32 -11.04
N ASN A 161 1.20 -20.61 -10.82
CA ASN A 161 2.52 -21.07 -10.39
C ASN A 161 3.34 -21.49 -11.59
N PRO A 162 4.65 -21.22 -11.54
CA PRO A 162 5.54 -21.60 -12.64
C PRO A 162 5.49 -23.13 -12.65
N VAL A 163 5.42 -23.76 -13.81
CA VAL A 163 5.34 -25.21 -13.86
C VAL A 163 6.56 -25.89 -14.42
N ARG A 164 6.97 -27.01 -13.81
CA ARG A 164 8.11 -27.79 -14.29
C ARG A 164 8.00 -28.13 -15.78
N THR A 165 9.07 -27.87 -16.52
CA THR A 165 9.17 -28.10 -17.96
C THR A 165 8.63 -29.43 -18.50
N ASP A 166 9.08 -30.54 -17.92
CA ASP A 166 8.64 -31.85 -18.37
C ASP A 166 7.13 -32.03 -18.39
N VAL A 167 6.41 -31.28 -17.56
CA VAL A 167 4.96 -31.40 -17.52
C VAL A 167 4.33 -30.49 -18.54
N LEU A 168 5.04 -29.41 -18.87
CA LEU A 168 4.53 -28.48 -19.87
C LEU A 168 4.62 -29.07 -21.27
N ALA A 169 5.49 -30.06 -21.44
CA ALA A 169 5.68 -30.71 -22.73
C ALA A 169 4.74 -31.88 -22.97
N LEU A 170 3.76 -32.04 -22.10
CA LEU A 170 2.82 -33.15 -22.24
C LEU A 170 1.77 -32.85 -23.30
N PRO A 171 1.36 -33.88 -24.05
CA PRO A 171 0.34 -33.68 -25.09
C PRO A 171 -0.95 -33.21 -24.45
N LEU A 172 -1.76 -32.52 -25.23
CA LEU A 172 -3.04 -32.04 -24.72
C LEU A 172 -3.95 -33.26 -24.53
N PRO A 173 -5.02 -33.11 -23.72
CA PRO A 173 -5.98 -34.18 -23.43
C PRO A 173 -6.37 -34.98 -24.68
N GLN A 174 -7.08 -34.34 -25.60
CA GLN A 174 -7.53 -34.99 -26.83
C GLN A 174 -6.57 -36.05 -27.33
N GLN A 175 -5.40 -35.58 -27.76
CA GLN A 175 -4.34 -36.45 -28.29
C GLN A 175 -3.97 -37.56 -27.30
N ARG A 176 -3.88 -37.21 -26.02
CA ARG A 176 -3.52 -38.18 -24.99
C ARG A 176 -4.58 -39.25 -24.73
N LEU A 177 -5.85 -38.84 -24.63
CA LEU A 177 -6.94 -39.79 -24.37
C LEU A 177 -7.66 -40.23 -25.63
N ALA A 178 -6.99 -40.06 -26.78
CA ALA A 178 -7.57 -40.43 -28.06
C ALA A 178 -7.82 -41.93 -28.15
N GLY A 179 -9.09 -42.32 -28.03
CA GLY A 179 -9.46 -43.72 -28.14
C GLY A 179 -8.87 -44.67 -27.10
N ARG A 180 -8.84 -44.24 -25.85
CA ARG A 180 -8.31 -45.10 -24.79
C ARG A 180 -9.43 -46.02 -24.34
N GLU A 181 -9.07 -47.26 -24.04
CA GLU A 181 -10.06 -48.22 -23.59
C GLU A 181 -9.50 -49.11 -22.47
N GLY A 182 -10.41 -49.63 -21.64
CA GLY A 182 -9.99 -50.49 -20.55
C GLY A 182 -10.18 -49.88 -19.18
N PRO A 183 -9.62 -50.52 -18.16
CA PRO A 183 -9.72 -50.05 -16.78
C PRO A 183 -9.21 -48.63 -16.69
N VAL A 184 -9.93 -47.79 -15.95
CA VAL A 184 -9.50 -46.41 -15.79
C VAL A 184 -8.11 -46.44 -15.12
N ARG A 185 -7.16 -45.69 -15.68
CA ARG A 185 -5.80 -45.65 -15.14
C ARG A 185 -5.86 -44.67 -13.97
N VAL A 186 -5.68 -45.16 -12.76
CA VAL A 186 -5.76 -44.31 -11.57
C VAL A 186 -4.42 -44.05 -10.93
N LEU A 187 -4.03 -42.78 -10.91
CA LEU A 187 -2.78 -42.35 -10.31
C LEU A 187 -3.03 -41.81 -8.91
N VAL A 188 -2.30 -42.34 -7.93
CA VAL A 188 -2.43 -41.90 -6.55
C VAL A 188 -1.11 -41.24 -6.15
N VAL A 189 -1.19 -39.96 -5.75
CA VAL A 189 0.01 -39.21 -5.33
C VAL A 189 -0.19 -38.46 -4.02
N GLY A 190 0.74 -38.66 -3.07
CA GLY A 190 0.62 -38.01 -1.78
C GLY A 190 1.66 -36.95 -1.51
N GLY A 191 1.82 -35.99 -2.43
CA GLY A 191 2.82 -34.96 -2.23
C GLY A 191 4.19 -35.64 -2.26
N SER A 192 5.25 -34.85 -2.22
CA SER A 192 6.59 -35.43 -2.27
C SER A 192 6.91 -36.40 -1.13
N GLN A 193 6.23 -36.25 0.00
CA GLN A 193 6.46 -37.11 1.16
C GLN A 193 5.59 -38.36 1.22
N GLY A 194 4.35 -38.24 0.76
CA GLY A 194 3.44 -39.36 0.82
C GLY A 194 2.38 -39.02 1.86
N ALA A 195 1.20 -39.60 1.73
CA ALA A 195 0.13 -39.35 2.68
C ALA A 195 -0.47 -40.64 3.20
N ARG A 196 -0.36 -40.83 4.50
CA ARG A 196 -0.87 -42.01 5.18
C ARG A 196 -2.32 -42.25 4.79
N ILE A 197 -3.14 -41.20 4.84
CA ILE A 197 -4.55 -41.32 4.49
C ILE A 197 -4.73 -42.08 3.15
N LEU A 198 -4.01 -41.68 2.10
CA LEU A 198 -4.15 -42.38 0.81
C LEU A 198 -3.55 -43.78 0.90
N ASN A 199 -2.39 -43.90 1.55
CA ASN A 199 -1.74 -45.20 1.68
C ASN A 199 -2.64 -46.22 2.34
N GLN A 200 -3.59 -45.77 3.14
CA GLN A 200 -4.46 -46.73 3.82
C GLN A 200 -5.86 -46.79 3.23
N THR A 201 -6.24 -45.78 2.47
CA THR A 201 -7.57 -45.76 1.88
C THR A 201 -7.63 -46.41 0.50
N MET A 202 -6.76 -46.00 -0.41
CA MET A 202 -6.79 -46.54 -1.78
C MET A 202 -6.82 -48.06 -1.92
N PRO A 203 -6.05 -48.80 -1.11
CA PRO A 203 -6.03 -50.27 -1.19
C PRO A 203 -7.43 -50.87 -0.98
N GLN A 204 -8.17 -50.31 -0.04
CA GLN A 204 -9.53 -50.75 0.25
C GLN A 204 -10.45 -50.35 -0.90
N VAL A 205 -10.13 -49.24 -1.54
CA VAL A 205 -10.92 -48.78 -2.69
C VAL A 205 -10.67 -49.70 -3.88
N ALA A 206 -9.50 -50.36 -3.88
CA ALA A 206 -9.14 -51.28 -4.95
C ALA A 206 -10.00 -52.52 -4.84
N ALA A 207 -10.24 -52.93 -3.59
CA ALA A 207 -11.05 -54.09 -3.32
C ALA A 207 -12.47 -53.87 -3.83
N LYS A 208 -12.97 -52.65 -3.68
CA LYS A 208 -14.32 -52.33 -4.13
C LYS A 208 -14.46 -52.18 -5.64
N LEU A 209 -13.47 -51.56 -6.29
CA LEU A 209 -13.55 -51.37 -7.73
C LEU A 209 -13.00 -52.55 -8.51
N GLY A 210 -12.11 -53.31 -7.89
CA GLY A 210 -11.56 -54.46 -8.57
C GLY A 210 -10.98 -54.15 -9.94
N ASP A 211 -11.38 -54.95 -10.93
CA ASP A 211 -10.91 -54.83 -12.30
C ASP A 211 -11.28 -53.58 -13.08
N SER A 212 -12.12 -52.74 -12.50
CA SER A 212 -12.52 -51.51 -13.20
C SER A 212 -11.35 -50.53 -13.26
N VAL A 213 -10.28 -50.81 -12.52
CA VAL A 213 -9.15 -49.90 -12.51
C VAL A 213 -7.77 -50.54 -12.41
N THR A 214 -6.79 -49.77 -12.87
CA THR A 214 -5.39 -50.15 -12.80
C THR A 214 -4.73 -48.97 -12.09
N ILE A 215 -4.09 -49.25 -10.97
CA ILE A 215 -3.50 -48.21 -10.14
C ILE A 215 -1.98 -48.09 -10.08
N TRP A 216 -1.50 -46.85 -10.01
CA TRP A 216 -0.07 -46.59 -9.84
C TRP A 216 -0.06 -45.70 -8.59
N HIS A 217 0.34 -46.31 -7.47
CA HIS A 217 0.34 -45.71 -6.14
C HIS A 217 1.71 -45.23 -5.62
N GLN A 218 1.81 -43.95 -5.31
CA GLN A 218 3.05 -43.38 -4.77
C GLN A 218 2.85 -43.22 -3.26
N SER A 219 3.49 -44.12 -2.51
CA SER A 219 3.39 -44.18 -1.05
C SER A 219 4.28 -43.26 -0.20
N GLY A 220 5.36 -42.76 -0.79
CA GLY A 220 6.27 -41.94 -0.02
C GLY A 220 7.33 -42.86 0.57
N LYS A 221 8.51 -42.31 0.84
CA LYS A 221 9.62 -43.10 1.40
C LYS A 221 9.22 -43.93 2.61
N GLY A 222 9.63 -45.20 2.61
CA GLY A 222 9.34 -46.07 3.74
C GLY A 222 7.96 -46.69 3.83
N SER A 223 7.17 -46.62 2.77
CA SER A 223 5.83 -47.19 2.83
C SER A 223 5.52 -48.11 1.66
N GLN A 224 6.47 -48.27 0.75
CA GLN A 224 6.25 -49.13 -0.42
C GLN A 224 5.89 -50.55 0.00
N GLN A 225 6.66 -51.11 0.93
CA GLN A 225 6.40 -52.45 1.40
C GLN A 225 5.04 -52.53 2.09
N SER A 226 4.74 -51.51 2.88
CA SER A 226 3.48 -51.45 3.61
C SER A 226 2.27 -51.39 2.68
N VAL A 227 2.29 -50.41 1.77
CA VAL A 227 1.19 -50.23 0.82
C VAL A 227 1.06 -51.43 -0.11
N GLU A 228 2.20 -52.01 -0.50
CA GLU A 228 2.15 -53.17 -1.36
C GLU A 228 1.40 -54.30 -0.67
N GLN A 229 1.80 -54.61 0.55
CA GLN A 229 1.15 -55.69 1.28
C GLN A 229 -0.35 -55.44 1.45
N ALA A 230 -0.74 -54.20 1.71
CA ALA A 230 -2.16 -53.90 1.86
C ALA A 230 -2.91 -54.29 0.58
N TYR A 231 -2.39 -53.88 -0.58
CA TYR A 231 -3.01 -54.23 -1.86
C TYR A 231 -3.14 -55.74 -2.10
N ALA A 232 -2.13 -56.49 -1.70
CA ALA A 232 -2.16 -57.93 -1.88
C ALA A 232 -3.26 -58.53 -1.03
N GLU A 233 -3.37 -58.04 0.20
CA GLU A 233 -4.37 -58.52 1.12
C GLU A 233 -5.77 -58.11 0.70
N ALA A 234 -5.85 -57.19 -0.24
CA ALA A 234 -7.15 -56.74 -0.74
C ALA A 234 -7.46 -57.56 -1.99
N GLY A 235 -6.51 -58.40 -2.35
CA GLY A 235 -6.66 -59.25 -3.52
C GLY A 235 -6.26 -58.58 -4.83
N GLN A 236 -5.61 -57.43 -4.77
CA GLN A 236 -5.21 -56.72 -5.99
C GLN A 236 -3.70 -56.55 -6.05
N PRO A 237 -2.96 -57.67 -6.04
CA PRO A 237 -1.49 -57.71 -6.08
C PRO A 237 -0.83 -57.06 -7.30
N GLN A 238 -1.55 -56.96 -8.41
CA GLN A 238 -1.00 -56.43 -9.65
C GLN A 238 -0.70 -54.93 -9.71
N HIS A 239 -1.37 -54.15 -8.88
CA HIS A 239 -1.13 -52.72 -8.87
C HIS A 239 0.32 -52.39 -8.52
N LYS A 240 0.80 -51.27 -9.05
CA LYS A 240 2.17 -50.82 -8.84
C LYS A 240 2.32 -49.79 -7.74
N VAL A 241 3.28 -50.03 -6.86
CA VAL A 241 3.56 -49.12 -5.75
C VAL A 241 4.98 -48.58 -5.91
N THR A 242 5.14 -47.27 -5.77
CA THR A 242 6.45 -46.63 -5.88
C THR A 242 6.65 -45.67 -4.71
N GLU A 243 7.85 -45.62 -4.16
CA GLU A 243 8.12 -44.71 -3.04
C GLU A 243 8.02 -43.27 -3.54
N PHE A 244 8.75 -42.97 -4.61
CA PHE A 244 8.75 -41.63 -5.20
C PHE A 244 8.93 -41.79 -6.70
N ILE A 245 8.06 -41.15 -7.47
CA ILE A 245 8.12 -41.24 -8.91
C ILE A 245 9.01 -40.13 -9.49
N ASP A 246 10.13 -40.52 -10.08
CA ASP A 246 11.03 -39.53 -10.66
C ASP A 246 10.47 -38.97 -11.96
N ASP A 247 9.86 -39.83 -12.77
CA ASP A 247 9.31 -39.37 -14.04
C ASP A 247 7.84 -39.04 -13.85
N MET A 248 7.63 -38.01 -13.03
CA MET A 248 6.29 -37.56 -12.72
C MET A 248 5.46 -37.27 -13.97
N ALA A 249 6.08 -36.66 -14.98
CA ALA A 249 5.38 -36.32 -16.22
C ALA A 249 4.82 -37.55 -16.93
N ALA A 250 5.64 -38.57 -17.08
CA ALA A 250 5.18 -39.79 -17.73
C ALA A 250 4.02 -40.37 -16.91
N ALA A 251 4.10 -40.29 -15.58
CA ALA A 251 3.03 -40.80 -14.73
C ALA A 251 1.76 -40.02 -15.00
N TYR A 252 1.88 -38.71 -15.18
CA TYR A 252 0.72 -37.87 -15.47
C TYR A 252 0.13 -38.24 -16.84
N ALA A 253 0.99 -38.45 -17.84
CA ALA A 253 0.53 -38.78 -19.19
C ALA A 253 -0.15 -40.14 -19.30
N TRP A 254 0.23 -41.06 -18.41
CA TRP A 254 -0.36 -42.40 -18.39
C TRP A 254 -1.76 -42.40 -17.78
N ALA A 255 -1.97 -41.52 -16.82
CA ALA A 255 -3.22 -41.44 -16.08
C ALA A 255 -4.49 -40.98 -16.78
N ASP A 256 -5.63 -41.49 -16.29
CA ASP A 256 -6.96 -41.14 -16.75
C ASP A 256 -7.50 -40.18 -15.71
N VAL A 257 -7.14 -40.45 -14.46
CA VAL A 257 -7.56 -39.62 -13.34
C VAL A 257 -6.51 -39.64 -12.21
N VAL A 258 -6.54 -38.63 -11.33
CA VAL A 258 -5.58 -38.56 -10.23
C VAL A 258 -6.21 -38.39 -8.83
N VAL A 259 -5.78 -39.22 -7.88
CA VAL A 259 -6.28 -39.06 -6.50
C VAL A 259 -5.05 -38.56 -5.80
N CYS A 260 -5.12 -37.39 -5.16
CA CYS A 260 -3.93 -36.86 -4.53
C CYS A 260 -4.15 -35.66 -3.63
N ARG A 261 -3.14 -35.33 -2.84
CA ARG A 261 -3.19 -34.16 -1.97
C ARG A 261 -3.18 -32.96 -2.93
N SER A 262 -3.47 -31.78 -2.40
CA SER A 262 -3.47 -30.63 -3.27
C SER A 262 -2.49 -29.54 -2.86
N GLY A 263 -1.20 -29.90 -2.87
CA GLY A 263 -0.15 -28.93 -2.61
C GLY A 263 -0.25 -28.00 -3.81
N ALA A 264 0.19 -26.76 -3.68
CA ALA A 264 0.10 -25.80 -4.78
C ALA A 264 0.68 -26.22 -6.13
N LEU A 265 1.94 -26.65 -6.15
CA LEU A 265 2.54 -27.05 -7.42
C LEU A 265 1.82 -28.23 -8.07
N THR A 266 1.51 -29.25 -7.28
CA THR A 266 0.81 -30.43 -7.83
C THR A 266 -0.45 -29.96 -8.54
N VAL A 267 -1.16 -29.02 -7.90
CA VAL A 267 -2.39 -28.48 -8.44
C VAL A 267 -2.14 -27.84 -9.80
N SER A 268 -1.19 -26.91 -9.85
CA SER A 268 -0.84 -26.24 -11.09
C SER A 268 -0.39 -27.23 -12.17
N GLU A 269 0.37 -28.24 -11.79
CA GLU A 269 0.85 -29.24 -12.74
C GLU A 269 -0.32 -30.01 -13.35
N ILE A 270 -1.22 -30.48 -12.50
CA ILE A 270 -2.39 -31.22 -12.95
C ILE A 270 -3.16 -30.39 -13.96
N ALA A 271 -3.35 -29.11 -13.64
CA ALA A 271 -4.06 -28.21 -14.52
C ALA A 271 -3.34 -28.14 -15.88
N ALA A 272 -2.06 -27.80 -15.87
CA ALA A 272 -1.32 -27.69 -17.11
C ALA A 272 -1.33 -29.01 -17.87
N ALA A 273 -1.32 -30.13 -17.14
CA ALA A 273 -1.31 -31.43 -17.78
C ALA A 273 -2.66 -31.83 -18.33
N GLY A 274 -3.72 -31.13 -17.91
CA GLY A 274 -5.06 -31.47 -18.37
C GLY A 274 -5.48 -32.83 -17.83
N LEU A 275 -5.50 -32.99 -16.52
CA LEU A 275 -5.88 -34.26 -15.91
C LEU A 275 -7.00 -34.15 -14.89
N PRO A 276 -8.01 -35.02 -15.00
CA PRO A 276 -9.16 -35.04 -14.10
C PRO A 276 -8.62 -35.32 -12.70
N ALA A 277 -9.19 -34.67 -11.69
CA ALA A 277 -8.69 -34.88 -10.35
C ALA A 277 -9.74 -35.05 -9.27
N LEU A 278 -9.35 -35.79 -8.25
CA LEU A 278 -10.18 -36.01 -7.10
C LEU A 278 -9.19 -35.59 -6.03
N PHE A 279 -9.38 -34.38 -5.50
CA PHE A 279 -8.50 -33.84 -4.47
C PHE A 279 -8.93 -34.18 -3.07
N VAL A 280 -7.98 -34.72 -2.30
CA VAL A 280 -8.17 -35.09 -0.90
C VAL A 280 -7.25 -34.13 -0.11
N PRO A 281 -7.72 -32.89 0.10
CA PRO A 281 -7.03 -31.83 0.82
C PRO A 281 -6.48 -32.19 2.18
N PHE A 282 -5.26 -31.76 2.47
CA PHE A 282 -4.69 -32.02 3.79
C PHE A 282 -5.57 -31.30 4.83
N GLN A 283 -5.81 -31.95 5.97
CA GLN A 283 -6.65 -31.38 7.02
C GLN A 283 -5.93 -30.36 7.89
N HIS A 284 -6.44 -29.13 7.88
CA HIS A 284 -5.86 -28.03 8.66
C HIS A 284 -6.86 -26.89 8.82
N LYS A 285 -6.75 -26.13 9.91
CA LYS A 285 -7.68 -25.03 10.16
C LYS A 285 -7.68 -23.96 9.05
N ASP A 286 -6.61 -23.88 8.27
CA ASP A 286 -6.53 -22.89 7.20
C ASP A 286 -7.06 -23.36 5.85
N ARG A 287 -7.30 -24.65 5.71
CA ARG A 287 -7.81 -25.21 4.45
C ARG A 287 -6.97 -24.75 3.23
N GLN A 288 -5.69 -24.52 3.44
CA GLN A 288 -4.80 -24.10 2.35
C GLN A 288 -4.98 -25.03 1.16
N GLN A 289 -4.74 -26.31 1.38
CA GLN A 289 -4.87 -27.30 0.34
C GLN A 289 -6.24 -27.18 -0.35
N TYR A 290 -7.29 -26.96 0.45
CA TYR A 290 -8.65 -26.82 -0.10
C TYR A 290 -8.75 -25.63 -1.05
N TRP A 291 -8.13 -24.52 -0.68
CA TRP A 291 -8.17 -23.33 -1.51
C TRP A 291 -7.28 -23.48 -2.76
N ASN A 292 -6.28 -24.35 -2.69
CA ASN A 292 -5.40 -24.57 -3.83
C ASN A 292 -6.17 -25.34 -4.92
N ALA A 293 -7.13 -26.17 -4.51
CA ALA A 293 -7.86 -26.94 -5.50
C ALA A 293 -9.16 -26.33 -6.00
N LEU A 294 -9.69 -25.35 -5.28
CA LEU A 294 -10.98 -24.77 -5.66
C LEU A 294 -11.08 -24.40 -7.14
N PRO A 295 -10.12 -23.63 -7.66
CA PRO A 295 -10.21 -23.26 -9.07
C PRO A 295 -10.47 -24.43 -10.03
N LEU A 296 -9.70 -25.50 -9.94
CA LEU A 296 -9.91 -26.64 -10.82
C LEU A 296 -11.32 -27.23 -10.63
N GLU A 297 -11.82 -27.19 -9.39
CA GLU A 297 -13.15 -27.70 -9.12
C GLU A 297 -14.19 -26.74 -9.70
N LYS A 298 -14.12 -25.48 -9.30
CA LYS A 298 -15.05 -24.48 -9.80
C LYS A 298 -15.04 -24.44 -11.32
N ALA A 299 -13.95 -24.89 -11.94
CA ALA A 299 -13.89 -24.90 -13.40
C ALA A 299 -14.45 -26.21 -13.94
N GLY A 300 -14.93 -27.06 -13.03
CA GLY A 300 -15.50 -28.35 -13.41
C GLY A 300 -14.52 -29.38 -13.96
N ALA A 301 -13.29 -29.38 -13.45
CA ALA A 301 -12.27 -30.33 -13.93
C ALA A 301 -11.90 -31.32 -12.84
N ALA A 302 -12.39 -31.09 -11.64
CA ALA A 302 -12.09 -31.96 -10.53
C ALA A 302 -13.19 -31.87 -9.50
N LYS A 303 -12.97 -32.55 -8.38
CA LYS A 303 -13.92 -32.56 -7.26
C LYS A 303 -13.10 -32.72 -5.99
N ILE A 304 -13.42 -31.93 -4.97
CA ILE A 304 -12.69 -31.99 -3.72
C ILE A 304 -13.45 -32.75 -2.63
N ILE A 305 -12.70 -33.41 -1.76
CA ILE A 305 -13.27 -34.16 -0.65
C ILE A 305 -12.38 -33.97 0.58
N GLU A 306 -12.80 -33.08 1.47
CA GLU A 306 -12.05 -32.82 2.69
C GLU A 306 -12.31 -33.99 3.63
N GLN A 307 -11.64 -34.01 4.78
CA GLN A 307 -11.83 -35.10 5.74
C GLN A 307 -13.30 -35.34 6.14
N PRO A 308 -14.10 -34.27 6.30
CA PRO A 308 -15.52 -34.42 6.69
C PRO A 308 -16.28 -35.46 5.90
N GLN A 309 -16.07 -35.48 4.58
CA GLN A 309 -16.76 -36.43 3.71
C GLN A 309 -15.84 -37.52 3.16
N LEU A 310 -14.63 -37.62 3.71
CA LEU A 310 -13.69 -38.62 3.21
C LEU A 310 -13.93 -40.02 3.76
N SER A 311 -14.22 -40.96 2.85
CA SER A 311 -14.46 -42.34 3.21
C SER A 311 -14.16 -43.25 2.02
N VAL A 312 -13.91 -44.52 2.29
CA VAL A 312 -13.61 -45.49 1.24
C VAL A 312 -14.70 -45.50 0.17
N ASP A 313 -15.95 -45.44 0.59
CA ASP A 313 -17.06 -45.48 -0.35
C ASP A 313 -17.20 -44.20 -1.18
N ALA A 314 -17.14 -43.04 -0.53
CA ALA A 314 -17.25 -41.76 -1.22
C ALA A 314 -16.15 -41.68 -2.29
N VAL A 315 -15.00 -42.26 -1.99
CA VAL A 315 -13.91 -42.27 -2.94
C VAL A 315 -14.23 -43.23 -4.09
N ALA A 316 -14.51 -44.49 -3.77
CA ALA A 316 -14.85 -45.46 -4.81
C ALA A 316 -16.09 -45.02 -5.58
N ASN A 317 -17.04 -44.42 -4.86
CA ASN A 317 -18.27 -43.95 -5.46
C ASN A 317 -18.01 -42.89 -6.52
N THR A 318 -17.19 -41.90 -6.16
CA THR A 318 -16.86 -40.83 -7.09
C THR A 318 -16.14 -41.35 -8.32
N LEU A 319 -15.26 -42.33 -8.13
CA LEU A 319 -14.52 -42.89 -9.26
C LEU A 319 -15.40 -43.71 -10.22
N ALA A 320 -16.27 -44.56 -9.68
CA ALA A 320 -17.14 -45.40 -10.51
C ALA A 320 -18.07 -44.60 -11.43
N GLY A 321 -18.29 -43.33 -11.11
CA GLY A 321 -19.17 -42.51 -11.91
C GLY A 321 -18.56 -41.74 -13.07
N TRP A 322 -17.22 -41.67 -13.11
CA TRP A 322 -16.59 -40.92 -14.20
C TRP A 322 -16.26 -41.80 -15.39
N SER A 323 -17.07 -41.73 -16.43
CA SER A 323 -16.83 -42.50 -17.65
C SER A 323 -15.63 -41.89 -18.37
N ARG A 324 -15.10 -42.59 -19.36
CA ARG A 324 -13.96 -42.07 -20.11
C ARG A 324 -14.42 -40.85 -20.89
N GLU A 325 -15.74 -40.74 -21.04
CA GLU A 325 -16.34 -39.62 -21.76
C GLU A 325 -16.24 -38.38 -20.87
N THR A 326 -16.69 -38.52 -19.63
CA THR A 326 -16.63 -37.43 -18.67
C THR A 326 -15.18 -37.02 -18.47
N LEU A 327 -14.35 -38.01 -18.16
CA LEU A 327 -12.93 -37.76 -17.93
C LEU A 327 -12.35 -36.92 -19.04
N LEU A 328 -12.62 -37.29 -20.29
CA LEU A 328 -12.10 -36.53 -21.43
C LEU A 328 -12.58 -35.08 -21.35
N THR A 329 -13.80 -34.89 -20.87
CA THR A 329 -14.37 -33.56 -20.74
C THR A 329 -13.70 -32.79 -19.61
N MET A 330 -13.45 -33.49 -18.50
CA MET A 330 -12.80 -32.89 -17.33
C MET A 330 -11.35 -32.51 -17.66
N ALA A 331 -10.68 -33.36 -18.45
CA ALA A 331 -9.30 -33.11 -18.83
C ALA A 331 -9.14 -31.82 -19.62
N GLU A 332 -10.10 -31.51 -20.45
CA GLU A 332 -10.03 -30.30 -21.25
C GLU A 332 -10.38 -29.07 -20.41
N ARG A 333 -11.26 -29.25 -19.44
CA ARG A 333 -11.65 -28.14 -18.58
C ARG A 333 -10.45 -27.80 -17.70
N ALA A 334 -9.63 -28.82 -17.42
CA ALA A 334 -8.45 -28.63 -16.61
C ALA A 334 -7.43 -27.83 -17.39
N ARG A 335 -7.17 -28.26 -18.63
CA ARG A 335 -6.20 -27.57 -19.50
C ARG A 335 -6.64 -26.15 -19.79
N ALA A 336 -7.94 -25.94 -19.98
CA ALA A 336 -8.46 -24.61 -20.27
C ALA A 336 -8.32 -23.70 -19.05
N ALA A 337 -8.43 -24.29 -17.87
CA ALA A 337 -8.32 -23.51 -16.63
C ALA A 337 -6.88 -23.32 -16.16
N SER A 338 -5.92 -23.84 -16.92
CA SER A 338 -4.52 -23.72 -16.52
C SER A 338 -3.88 -22.41 -16.95
N ILE A 339 -2.67 -22.16 -16.44
CA ILE A 339 -1.90 -20.96 -16.78
C ILE A 339 -0.46 -21.43 -17.02
N PRO A 340 -0.20 -22.07 -18.17
CA PRO A 340 1.11 -22.59 -18.53
C PRO A 340 2.29 -21.61 -18.52
N ASP A 341 2.04 -20.37 -18.96
CA ASP A 341 3.09 -19.34 -19.03
C ASP A 341 3.26 -18.50 -17.76
N ALA A 342 2.97 -19.09 -16.61
CA ALA A 342 3.09 -18.37 -15.34
C ALA A 342 4.51 -17.82 -15.19
N THR A 343 5.50 -18.67 -15.47
CA THR A 343 6.90 -18.30 -15.35
C THR A 343 7.23 -17.00 -16.06
N GLU A 344 6.83 -16.86 -17.32
CA GLU A 344 7.12 -15.62 -18.01
C GLU A 344 6.26 -14.47 -17.47
N ARG A 345 5.03 -14.78 -17.03
CA ARG A 345 4.16 -13.73 -16.50
C ARG A 345 4.80 -13.05 -15.28
N VAL A 346 5.55 -13.82 -14.49
CA VAL A 346 6.22 -13.27 -13.34
C VAL A 346 7.51 -12.58 -13.78
N ALA A 347 8.26 -13.26 -14.65
CA ALA A 347 9.52 -12.71 -15.15
C ALA A 347 9.26 -11.35 -15.81
N ASN A 348 8.14 -11.23 -16.52
CA ASN A 348 7.82 -9.97 -17.16
C ASN A 348 7.45 -8.89 -16.15
N GLU A 349 6.66 -9.23 -15.12
CA GLU A 349 6.28 -8.26 -14.12
C GLU A 349 7.52 -7.74 -13.41
N VAL A 350 8.47 -8.63 -13.19
CA VAL A 350 9.71 -8.23 -12.54
C VAL A 350 10.42 -7.27 -13.49
N SER A 351 10.53 -7.66 -14.75
CA SER A 351 11.19 -6.81 -15.73
C SER A 351 10.48 -5.46 -15.77
N ARG A 352 9.14 -5.52 -15.79
CA ARG A 352 8.30 -4.33 -15.82
C ARG A 352 8.63 -3.37 -14.68
N VAL A 353 8.78 -3.89 -13.47
CA VAL A 353 9.11 -3.05 -12.34
C VAL A 353 10.56 -2.59 -12.43
N ALA A 354 11.39 -3.42 -13.06
CA ALA A 354 12.79 -3.07 -13.24
C ALA A 354 12.89 -1.76 -14.01
N ARG A 355 12.12 -1.66 -15.09
CA ARG A 355 12.10 -0.43 -15.88
C ARG A 355 11.25 0.59 -15.11
N ALA A 356 11.89 1.28 -14.17
CA ALA A 356 11.21 2.27 -13.36
C ALA A 356 10.70 3.44 -14.20
N LYS B 7 -12.04 4.95 20.67
CA LYS B 7 -11.71 5.36 22.07
C LYS B 7 -10.52 6.32 22.16
N ARG B 8 -9.30 5.76 22.28
CA ARG B 8 -8.10 6.57 22.41
C ARG B 8 -7.34 6.81 21.09
N LEU B 9 -7.00 8.07 20.85
CA LEU B 9 -6.29 8.49 19.64
C LEU B 9 -5.01 9.27 19.91
N MET B 10 -3.98 8.92 19.15
CA MET B 10 -2.70 9.60 19.24
C MET B 10 -2.56 10.46 17.99
N VAL B 11 -2.50 11.78 18.17
CA VAL B 11 -2.36 12.71 17.06
C VAL B 11 -0.90 13.12 16.98
N MET B 12 -0.33 13.06 15.78
CA MET B 12 1.06 13.41 15.57
C MET B 12 1.19 14.58 14.60
N ALA B 13 1.52 15.76 15.15
CA ALA B 13 1.64 16.97 14.35
C ALA B 13 2.94 17.70 14.64
N GLY B 14 3.68 17.99 13.57
CA GLY B 14 4.95 18.67 13.69
C GLY B 14 4.86 20.03 14.34
N GLY B 15 5.91 20.83 14.14
CA GLY B 15 5.95 22.16 14.72
C GLY B 15 5.70 23.24 13.68
N THR B 16 4.43 23.57 13.52
CA THR B 16 4.04 24.60 12.56
C THR B 16 2.52 24.70 12.56
N GLY B 17 2.02 25.94 12.39
CA GLY B 17 0.58 26.16 12.38
C GLY B 17 -0.17 25.27 11.42
N GLY B 18 0.29 25.19 10.17
CA GLY B 18 -0.38 24.36 9.19
C GLY B 18 -0.62 22.92 9.60
N HIS B 19 0.22 22.41 10.51
CA HIS B 19 0.11 21.04 10.96
C HIS B 19 -0.67 20.88 12.27
N VAL B 20 -0.49 21.82 13.19
CA VAL B 20 -1.17 21.77 14.50
C VAL B 20 -2.62 22.24 14.55
N PHE B 21 -2.92 23.39 13.95
CA PHE B 21 -4.28 23.89 13.98
C PHE B 21 -5.28 22.91 13.37
N PRO B 22 -4.95 22.32 12.21
CA PRO B 22 -5.90 21.37 11.62
C PRO B 22 -6.00 20.17 12.58
N GLY B 23 -4.86 19.78 13.15
CA GLY B 23 -4.85 18.67 14.08
C GLY B 23 -5.69 18.99 15.30
N LEU B 24 -5.48 20.17 15.87
CA LEU B 24 -6.21 20.61 17.06
C LEU B 24 -7.72 20.56 16.80
N ALA B 25 -8.14 21.14 15.67
CA ALA B 25 -9.53 21.15 15.30
C ALA B 25 -10.11 19.75 15.37
N VAL B 26 -9.48 18.82 14.66
CA VAL B 26 -9.92 17.43 14.63
C VAL B 26 -9.91 16.82 16.02
N ALA B 27 -8.85 17.05 16.79
CA ALA B 27 -8.74 16.50 18.14
C ALA B 27 -9.92 16.95 19.00
N HIS B 28 -10.23 18.25 18.94
CA HIS B 28 -11.34 18.79 19.71
C HIS B 28 -12.63 18.12 19.28
N HIS B 29 -12.82 17.98 17.97
CA HIS B 29 -14.03 17.36 17.46
C HIS B 29 -14.19 15.96 18.06
N LEU B 30 -13.12 15.18 18.07
CA LEU B 30 -13.21 13.82 18.63
C LEU B 30 -13.42 13.78 20.14
N MET B 31 -12.78 14.68 20.87
CA MET B 31 -12.94 14.71 22.32
C MET B 31 -14.37 15.01 22.73
N ALA B 32 -15.09 15.72 21.86
CA ALA B 32 -16.47 16.07 22.12
C ALA B 32 -17.35 14.86 21.83
N GLN B 33 -16.74 13.81 21.30
CA GLN B 33 -17.49 12.60 21.00
C GLN B 33 -17.01 11.45 21.89
N GLY B 34 -16.39 11.83 23.02
CA GLY B 34 -15.91 10.85 23.97
C GLY B 34 -14.43 10.52 23.89
N TRP B 35 -13.93 10.36 22.67
CA TRP B 35 -12.53 10.01 22.46
C TRP B 35 -11.55 10.65 23.44
N GLN B 36 -10.50 9.89 23.74
CA GLN B 36 -9.44 10.34 24.63
C GLN B 36 -8.29 10.67 23.68
N VAL B 37 -7.69 11.85 23.81
CA VAL B 37 -6.63 12.24 22.89
C VAL B 37 -5.26 12.53 23.52
N ARG B 38 -4.22 12.03 22.85
CA ARG B 38 -2.83 12.20 23.26
C ARG B 38 -2.08 12.78 22.06
N TRP B 39 -1.15 13.69 22.31
CA TRP B 39 -0.40 14.35 21.25
C TRP B 39 1.08 13.97 21.32
N LEU B 40 1.71 13.85 20.15
CA LEU B 40 3.12 13.50 20.05
C LEU B 40 3.82 14.60 19.27
N GLY B 41 4.80 15.25 19.91
CA GLY B 41 5.53 16.31 19.24
C GLY B 41 6.93 16.53 19.79
N THR B 42 7.40 17.77 19.76
CA THR B 42 8.73 18.11 20.27
C THR B 42 8.56 19.09 21.42
N ALA B 43 9.65 19.40 22.10
CA ALA B 43 9.61 20.32 23.23
C ALA B 43 10.23 21.67 22.87
N ASP B 44 10.85 21.75 21.70
CA ASP B 44 11.48 22.98 21.25
C ASP B 44 10.74 23.58 20.07
N ARG B 45 9.48 23.17 19.89
CA ARG B 45 8.66 23.66 18.79
C ARG B 45 7.32 24.18 19.27
N MET B 46 6.64 24.92 18.39
CA MET B 46 5.36 25.54 18.71
C MET B 46 4.36 24.72 19.52
N GLU B 47 4.10 23.48 19.13
CA GLU B 47 3.13 22.64 19.85
C GLU B 47 3.50 22.45 21.31
N ALA B 48 4.77 22.65 21.65
CA ALA B 48 5.20 22.49 23.03
C ALA B 48 4.74 23.68 23.87
N ASP B 49 3.60 24.24 23.52
CA ASP B 49 3.04 25.39 24.25
C ASP B 49 1.57 25.62 23.91
N LEU B 50 1.19 25.30 22.69
CA LEU B 50 -0.18 25.49 22.24
C LEU B 50 -1.10 24.35 22.66
N VAL B 51 -0.75 23.12 22.29
CA VAL B 51 -1.57 21.96 22.62
C VAL B 51 -1.87 21.91 24.13
N PRO B 52 -0.85 22.05 24.98
CA PRO B 52 -1.14 22.02 26.42
C PRO B 52 -2.26 22.99 26.77
N LYS B 53 -2.28 24.14 26.11
CA LYS B 53 -3.29 25.17 26.34
C LYS B 53 -4.69 24.72 25.92
N HIS B 54 -4.77 23.89 24.90
CA HIS B 54 -6.07 23.38 24.47
C HIS B 54 -6.51 22.22 25.37
N GLY B 55 -5.88 22.11 26.54
CA GLY B 55 -6.22 21.08 27.48
C GLY B 55 -6.04 19.68 26.93
N ILE B 56 -4.89 19.43 26.33
CA ILE B 56 -4.58 18.13 25.76
C ILE B 56 -3.25 17.63 26.31
N GLU B 57 -3.14 16.33 26.50
CA GLU B 57 -1.89 15.74 27.01
C GLU B 57 -0.91 15.63 25.86
N ILE B 58 0.35 15.96 26.10
CA ILE B 58 1.35 15.88 25.05
C ILE B 58 2.64 15.19 25.48
N ASP B 59 2.99 14.11 24.78
CA ASP B 59 4.21 13.34 25.04
C ASP B 59 5.26 13.76 24.02
N PHE B 60 6.45 14.10 24.50
CA PHE B 60 7.54 14.54 23.62
C PHE B 60 8.54 13.44 23.32
N ILE B 61 9.24 13.59 22.20
CA ILE B 61 10.27 12.64 21.80
C ILE B 61 11.39 13.40 21.11
N ARG B 62 12.62 13.02 21.40
CA ARG B 62 13.79 13.67 20.83
C ARG B 62 13.99 13.24 19.38
N ILE B 63 13.73 14.17 18.45
CA ILE B 63 13.90 13.88 17.03
C ILE B 63 15.01 14.74 16.42
N SER B 64 15.90 15.22 17.28
CA SER B 64 17.03 16.08 16.89
C SER B 64 17.78 15.61 15.64
N GLY B 65 18.50 14.51 15.77
CA GLY B 65 19.26 13.99 14.64
C GLY B 65 18.39 13.40 13.56
N LEU B 66 17.30 14.08 13.23
CA LEU B 66 16.38 13.61 12.21
C LEU B 66 15.95 14.77 11.32
N ARG B 67 15.83 15.95 11.91
CA ARG B 67 15.42 17.15 11.18
C ARG B 67 16.53 17.65 10.27
N GLY B 68 16.16 17.97 9.02
CA GLY B 68 17.12 18.46 8.07
C GLY B 68 17.46 17.42 7.02
N LYS B 69 17.93 16.26 7.47
CA LYS B 69 18.31 15.17 6.56
C LYS B 69 17.13 14.78 5.66
N GLY B 70 17.42 14.67 4.35
CA GLY B 70 16.38 14.31 3.39
C GLY B 70 16.19 12.82 3.13
N ILE B 71 15.59 12.50 1.98
CA ILE B 71 15.31 11.11 1.60
C ILE B 71 16.55 10.22 1.50
N LYS B 72 17.47 10.56 0.60
CA LYS B 72 18.68 9.76 0.43
C LYS B 72 19.54 9.79 1.68
N ALA B 73 19.39 10.85 2.47
CA ALA B 73 20.13 11.00 3.71
C ALA B 73 19.67 9.94 4.72
N LEU B 74 18.40 9.56 4.62
CA LEU B 74 17.84 8.55 5.51
C LEU B 74 18.05 7.14 4.98
N ILE B 75 18.13 7.01 3.67
CA ILE B 75 18.35 5.71 3.04
C ILE B 75 19.76 5.27 3.43
N ALA B 76 20.67 6.23 3.52
CA ALA B 76 22.06 5.95 3.86
C ALA B 76 22.26 5.69 5.35
N ALA B 77 21.58 6.46 6.20
CA ALA B 77 21.72 6.29 7.65
C ALA B 77 20.39 5.92 8.32
N PRO B 78 19.89 4.70 8.06
CA PRO B 78 18.63 4.22 8.63
C PRO B 78 18.57 4.31 10.15
N LEU B 79 19.69 4.06 10.81
CA LEU B 79 19.78 4.08 12.27
C LEU B 79 19.48 5.45 12.90
N ARG B 80 19.49 6.51 12.11
CA ARG B 80 19.22 7.85 12.65
C ARG B 80 17.83 7.98 13.27
N ILE B 81 16.87 7.27 12.70
CA ILE B 81 15.50 7.34 13.19
C ILE B 81 15.25 6.27 14.26
N PHE B 82 16.30 5.58 14.69
CA PHE B 82 16.16 4.53 15.68
C PHE B 82 15.59 4.98 17.02
N ASN B 83 16.31 5.84 17.72
CA ASN B 83 15.83 6.32 19.01
C ASN B 83 14.42 6.90 18.94
N ALA B 84 14.18 7.74 17.94
CA ALA B 84 12.85 8.33 17.78
C ALA B 84 11.84 7.19 17.81
N TRP B 85 12.10 6.16 17.00
CA TRP B 85 11.24 4.98 16.92
C TRP B 85 11.16 4.35 18.31
N ARG B 86 12.29 4.33 19.01
CA ARG B 86 12.33 3.78 20.36
C ARG B 86 11.27 4.48 21.21
N GLN B 87 11.38 5.79 21.32
CA GLN B 87 10.42 6.57 22.09
C GLN B 87 9.01 6.51 21.51
N ALA B 88 8.89 6.75 20.21
CA ALA B 88 7.60 6.74 19.53
C ALA B 88 6.82 5.48 19.84
N ARG B 89 7.50 4.35 19.69
CA ARG B 89 6.93 3.03 19.94
C ARG B 89 6.70 2.84 21.44
N ALA B 90 7.70 3.19 22.24
CA ALA B 90 7.62 3.05 23.69
C ALA B 90 6.39 3.76 24.26
N ILE B 91 6.25 5.03 23.93
CA ILE B 91 5.13 5.84 24.38
C ILE B 91 3.79 5.24 23.98
N MET B 92 3.71 4.70 22.77
CA MET B 92 2.48 4.10 22.27
C MET B 92 2.14 2.78 22.97
N LYS B 93 3.08 2.26 23.75
CA LYS B 93 2.84 1.03 24.49
C LYS B 93 2.25 1.41 25.84
N ALA B 94 2.73 2.54 26.37
CA ALA B 94 2.27 3.05 27.66
C ALA B 94 0.91 3.74 27.56
N TYR B 95 0.58 4.21 26.35
CA TYR B 95 -0.70 4.88 26.14
C TYR B 95 -1.67 3.96 25.41
N LYS B 96 -1.14 3.14 24.52
CA LYS B 96 -1.95 2.20 23.76
C LYS B 96 -3.00 2.86 22.86
N PRO B 97 -2.58 3.46 21.75
CA PRO B 97 -3.55 4.12 20.86
C PRO B 97 -4.36 3.06 20.10
N ASP B 98 -5.52 3.45 19.59
CA ASP B 98 -6.36 2.53 18.81
C ASP B 98 -6.17 2.91 17.35
N VAL B 99 -5.67 4.13 17.15
CA VAL B 99 -5.41 4.66 15.82
C VAL B 99 -4.58 5.93 16.00
N VAL B 100 -3.83 6.30 14.97
CA VAL B 100 -3.00 7.49 15.03
C VAL B 100 -3.26 8.34 13.80
N LEU B 101 -3.20 9.67 13.98
CA LEU B 101 -3.42 10.61 12.89
C LEU B 101 -2.17 11.44 12.71
N GLY B 102 -1.61 11.40 11.51
CA GLY B 102 -0.41 12.16 11.22
C GLY B 102 -0.78 13.37 10.38
N MET B 103 -0.43 14.55 10.87
CA MET B 103 -0.74 15.78 10.15
C MET B 103 0.36 16.22 9.19
N GLY B 104 1.59 15.79 9.41
CA GLY B 104 2.66 16.15 8.50
C GLY B 104 4.05 16.50 9.02
N GLY B 105 4.13 16.98 10.26
CA GLY B 105 5.43 17.35 10.82
C GLY B 105 6.47 16.24 10.85
N TYR B 106 7.66 16.54 11.36
CA TYR B 106 8.71 15.54 11.45
C TYR B 106 8.29 14.39 12.33
N VAL B 107 7.90 14.70 13.56
CA VAL B 107 7.47 13.68 14.50
C VAL B 107 6.58 12.65 13.79
N SER B 108 5.73 13.13 12.90
CA SER B 108 4.82 12.28 12.14
C SER B 108 5.48 10.94 11.76
N GLY B 109 6.74 11.01 11.31
CA GLY B 109 7.47 9.82 10.90
C GLY B 109 7.69 8.77 11.97
N PRO B 110 8.62 9.00 12.89
CA PRO B 110 8.92 8.05 13.98
C PRO B 110 7.66 7.40 14.56
N GLY B 111 6.70 8.24 14.96
CA GLY B 111 5.46 7.73 15.53
C GLY B 111 4.67 6.85 14.59
N GLY B 112 4.77 7.14 13.28
CA GLY B 112 4.06 6.34 12.29
C GLY B 112 4.71 4.98 12.18
N LEU B 113 6.04 4.97 12.07
CA LEU B 113 6.76 3.72 11.97
C LEU B 113 6.48 2.89 13.23
N ALA B 114 6.42 3.56 14.36
CA ALA B 114 6.14 2.89 15.63
C ALA B 114 4.75 2.28 15.62
N ALA B 115 3.75 3.10 15.31
CA ALA B 115 2.36 2.65 15.27
C ALA B 115 2.20 1.52 14.25
N TRP B 116 3.00 1.57 13.19
CA TRP B 116 2.93 0.57 12.13
C TRP B 116 3.56 -0.74 12.59
N SER B 117 4.68 -0.63 13.30
CA SER B 117 5.39 -1.78 13.82
C SER B 117 4.63 -2.42 14.96
N LEU B 118 3.58 -1.74 15.40
CA LEU B 118 2.75 -2.24 16.48
C LEU B 118 1.39 -2.64 15.92
N GLY B 119 1.29 -2.65 14.59
CA GLY B 119 0.05 -3.02 13.95
C GLY B 119 -1.07 -2.01 14.16
N ILE B 120 -0.74 -0.87 14.76
CA ILE B 120 -1.75 0.17 14.99
C ILE B 120 -2.02 0.90 13.68
N PRO B 121 -3.31 1.05 13.31
CA PRO B 121 -3.65 1.72 12.07
C PRO B 121 -3.06 3.13 12.03
N VAL B 122 -2.76 3.58 10.82
CA VAL B 122 -2.19 4.90 10.64
C VAL B 122 -3.12 5.68 9.70
N VAL B 123 -3.48 6.89 10.09
CA VAL B 123 -4.31 7.72 9.22
C VAL B 123 -3.53 8.98 8.96
N LEU B 124 -3.52 9.41 7.71
CA LEU B 124 -2.78 10.61 7.36
C LEU B 124 -3.58 11.67 6.65
N HIS B 125 -3.20 12.92 6.90
CA HIS B 125 -3.84 14.05 6.25
C HIS B 125 -2.76 15.01 5.75
N GLU B 126 -2.90 15.39 4.49
CA GLU B 126 -1.95 16.31 3.86
C GLU B 126 -2.64 17.68 3.67
N GLN B 127 -2.01 18.74 4.17
CA GLN B 127 -2.59 20.07 4.06
C GLN B 127 -2.34 20.79 2.73
N ASN B 128 -1.21 20.50 2.08
CA ASN B 128 -0.89 21.17 0.82
C ASN B 128 -1.02 20.34 -0.43
N GLY B 129 -1.09 21.04 -1.57
CA GLY B 129 -1.21 20.39 -2.87
C GLY B 129 0.02 19.56 -3.22
N ILE B 130 1.07 19.69 -2.41
CA ILE B 130 2.29 18.92 -2.59
C ILE B 130 2.80 18.42 -1.22
N ALA B 131 2.87 17.11 -1.07
CA ALA B 131 3.30 16.46 0.17
C ALA B 131 4.69 16.83 0.70
N GLY B 132 4.82 16.81 2.01
CA GLY B 132 6.10 17.11 2.63
C GLY B 132 6.92 15.84 2.62
N LEU B 133 8.11 15.91 3.22
CA LEU B 133 9.03 14.77 3.28
C LEU B 133 8.38 13.56 3.95
N THR B 134 8.22 13.66 5.26
CA THR B 134 7.66 12.58 6.06
C THR B 134 6.40 11.94 5.47
N ASN B 135 5.41 12.75 5.10
CA ASN B 135 4.16 12.24 4.55
C ASN B 135 4.38 11.48 3.25
N LYS B 136 5.31 11.96 2.43
CA LYS B 136 5.59 11.32 1.16
C LYS B 136 5.83 9.81 1.36
N TRP B 137 6.79 9.46 2.22
CA TRP B 137 7.09 8.06 2.47
C TRP B 137 6.17 7.40 3.50
N LEU B 138 5.94 8.07 4.60
CA LEU B 138 5.07 7.57 5.66
C LEU B 138 3.72 7.11 5.08
N ALA B 139 3.42 7.58 3.86
CA ALA B 139 2.19 7.24 3.17
C ALA B 139 2.18 5.83 2.56
N LYS B 140 3.22 5.06 2.79
CA LYS B 140 3.27 3.71 2.23
C LYS B 140 2.82 2.69 3.27
N ILE B 141 2.92 3.06 4.54
CA ILE B 141 2.50 2.18 5.62
C ILE B 141 1.26 2.74 6.29
N ALA B 142 0.50 3.53 5.55
CA ALA B 142 -0.71 4.14 6.08
C ALA B 142 -1.94 3.34 5.69
N THR B 143 -2.93 3.29 6.57
CA THR B 143 -4.16 2.57 6.27
C THR B 143 -5.07 3.44 5.43
N LYS B 144 -5.15 4.72 5.80
CA LYS B 144 -5.97 5.68 5.06
C LYS B 144 -5.17 6.97 4.81
N VAL B 145 -5.36 7.55 3.63
CA VAL B 145 -4.66 8.77 3.27
C VAL B 145 -5.64 9.83 2.76
N MET B 146 -5.57 11.03 3.34
CA MET B 146 -6.45 12.11 2.95
C MET B 146 -5.68 13.39 2.59
N GLN B 147 -6.24 14.19 1.70
CA GLN B 147 -5.62 15.44 1.29
C GLN B 147 -6.61 16.60 1.11
N ALA B 148 -6.16 17.81 1.40
CA ALA B 148 -7.02 18.99 1.26
C ALA B 148 -7.22 19.30 -0.22
N PHE B 149 -6.14 19.20 -0.98
CA PHE B 149 -6.17 19.51 -2.41
C PHE B 149 -5.75 18.31 -3.24
N PRO B 150 -6.30 18.19 -4.46
CA PRO B 150 -6.00 17.10 -5.39
C PRO B 150 -4.57 17.17 -5.93
N GLY B 151 -3.91 16.02 -6.08
CA GLY B 151 -2.57 16.01 -6.62
C GLY B 151 -1.37 15.89 -5.69
N ALA B 152 -1.59 15.78 -4.39
CA ALA B 152 -0.48 15.66 -3.47
C ALA B 152 -0.07 14.18 -3.37
N PHE B 153 -1.05 13.32 -3.60
CA PHE B 153 -0.85 11.87 -3.56
C PHE B 153 -1.68 11.27 -4.69
N PRO B 154 -1.21 10.14 -5.25
CA PRO B 154 -1.84 9.39 -6.35
C PRO B 154 -3.35 9.60 -6.51
N ASN B 155 -4.10 9.32 -5.45
CA ASN B 155 -5.53 9.49 -5.52
C ASN B 155 -6.15 9.39 -4.12
N ALA B 156 -5.53 10.07 -3.16
CA ALA B 156 -6.03 10.06 -1.80
C ALA B 156 -7.37 10.77 -1.80
N GLU B 157 -8.25 10.40 -0.88
CA GLU B 157 -9.56 11.03 -0.81
C GLU B 157 -9.42 12.50 -0.48
N VAL B 158 -9.99 13.35 -1.34
CA VAL B 158 -9.93 14.79 -1.12
C VAL B 158 -10.95 15.17 -0.05
N VAL B 159 -10.45 15.72 1.05
CA VAL B 159 -11.29 16.08 2.18
C VAL B 159 -11.20 17.57 2.56
N GLY B 160 -10.21 18.27 2.01
CA GLY B 160 -10.06 19.68 2.33
C GLY B 160 -9.32 19.88 3.64
N ASN B 161 -9.17 21.13 4.07
CA ASN B 161 -8.52 21.45 5.34
C ASN B 161 -9.52 21.94 6.38
N PRO B 162 -9.27 21.65 7.67
CA PRO B 162 -10.15 22.09 8.75
C PRO B 162 -10.10 23.62 8.73
N VAL B 163 -11.26 24.26 8.77
CA VAL B 163 -11.33 25.71 8.71
C VAL B 163 -11.73 26.36 10.03
N ARG B 164 -11.00 27.40 10.41
CA ARG B 164 -11.26 28.15 11.64
C ARG B 164 -12.74 28.55 11.79
N THR B 165 -13.32 28.19 12.93
CA THR B 165 -14.74 28.45 13.24
C THR B 165 -15.27 29.84 12.92
N ASP B 166 -14.54 30.88 13.32
CA ASP B 166 -15.01 32.23 13.05
C ASP B 166 -15.23 32.51 11.57
N VAL B 167 -14.54 31.79 10.70
CA VAL B 167 -14.74 32.03 9.27
C VAL B 167 -15.97 31.24 8.82
N LEU B 168 -16.13 30.02 9.35
CA LEU B 168 -17.27 29.18 9.02
C LEU B 168 -18.57 29.89 9.43
N ALA B 169 -18.50 30.64 10.52
CA ALA B 169 -19.68 31.34 11.05
C ALA B 169 -20.14 32.52 10.20
N LEU B 170 -19.48 32.76 9.08
CA LEU B 170 -19.84 33.87 8.19
C LEU B 170 -21.09 33.59 7.37
N PRO B 171 -21.80 34.66 6.97
CA PRO B 171 -23.01 34.45 6.17
C PRO B 171 -22.51 34.06 4.78
N LEU B 172 -23.40 33.58 3.92
CA LEU B 172 -22.99 33.18 2.57
C LEU B 172 -22.74 34.40 1.69
N PRO B 173 -22.02 34.22 0.57
CA PRO B 173 -21.71 35.31 -0.35
C PRO B 173 -22.90 36.15 -0.80
N GLN B 174 -23.97 35.49 -1.20
CA GLN B 174 -25.17 36.17 -1.65
C GLN B 174 -25.59 37.24 -0.64
N GLN B 175 -25.93 36.77 0.55
CA GLN B 175 -26.39 37.63 1.65
C GLN B 175 -25.56 38.88 1.91
N ARG B 176 -24.23 38.79 1.81
CA ARG B 176 -23.43 39.97 2.08
C ARG B 176 -22.77 40.71 0.94
N LEU B 177 -22.95 40.26 -0.30
CA LEU B 177 -22.33 40.95 -1.41
C LEU B 177 -23.31 41.65 -2.36
N ALA B 178 -24.52 41.10 -2.48
CA ALA B 178 -25.53 41.69 -3.35
C ALA B 178 -26.13 42.91 -2.68
N GLY B 179 -26.07 44.05 -3.35
CA GLY B 179 -26.61 45.27 -2.78
C GLY B 179 -25.55 46.31 -2.50
N ARG B 180 -24.29 45.89 -2.49
CA ARG B 180 -23.19 46.81 -2.23
C ARG B 180 -22.97 47.73 -3.41
N GLU B 181 -22.76 49.00 -3.11
CA GLU B 181 -22.51 50.00 -4.15
C GLU B 181 -21.20 50.70 -3.85
N GLY B 182 -20.65 51.37 -4.84
CA GLY B 182 -19.42 52.10 -4.61
C GLY B 182 -18.10 51.38 -4.77
N PRO B 183 -17.00 52.04 -4.40
CA PRO B 183 -15.63 51.53 -4.48
C PRO B 183 -15.48 50.07 -4.04
N VAL B 184 -14.72 49.30 -4.81
CA VAL B 184 -14.49 47.89 -4.50
C VAL B 184 -13.51 47.73 -3.34
N ARG B 185 -13.91 46.91 -2.37
CA ARG B 185 -13.10 46.65 -1.18
C ARG B 185 -12.02 45.58 -1.41
N VAL B 186 -10.77 46.01 -1.44
CA VAL B 186 -9.68 45.09 -1.66
C VAL B 186 -8.93 44.77 -0.37
N LEU B 187 -8.89 43.51 0.01
CA LEU B 187 -8.16 43.11 1.20
C LEU B 187 -6.83 42.53 0.76
N VAL B 188 -5.74 43.17 1.18
CA VAL B 188 -4.42 42.68 0.83
C VAL B 188 -3.83 41.95 2.03
N VAL B 189 -3.69 40.64 1.92
CA VAL B 189 -3.13 39.86 3.01
C VAL B 189 -1.88 39.15 2.49
N GLY B 190 -0.86 39.04 3.36
CA GLY B 190 0.38 38.40 2.96
C GLY B 190 0.86 37.31 3.91
N GLY B 191 0.01 36.31 4.14
CA GLY B 191 0.35 35.24 5.06
C GLY B 191 0.44 35.82 6.46
N SER B 192 0.69 34.97 7.45
CA SER B 192 0.79 35.42 8.82
C SER B 192 2.01 36.29 9.07
N GLN B 193 2.91 36.40 8.09
CA GLN B 193 4.10 37.20 8.29
C GLN B 193 4.18 38.43 7.42
N GLY B 194 3.31 38.51 6.43
CA GLY B 194 3.33 39.64 5.53
C GLY B 194 4.28 39.33 4.38
N ALA B 195 3.93 39.81 3.19
CA ALA B 195 4.77 39.56 2.04
C ALA B 195 5.32 40.88 1.49
N ARG B 196 6.64 40.97 1.46
CA ARG B 196 7.33 42.16 0.96
C ARG B 196 6.86 42.59 -0.43
N ILE B 197 6.69 41.63 -1.34
CA ILE B 197 6.28 41.94 -2.71
C ILE B 197 4.91 42.64 -2.81
N LEU B 198 3.98 42.30 -1.93
CA LEU B 198 2.67 42.95 -1.96
C LEU B 198 2.77 44.32 -1.27
N ASN B 199 3.68 44.44 -0.30
CA ASN B 199 3.88 45.70 0.41
C ASN B 199 4.47 46.79 -0.50
N GLN B 200 5.04 46.38 -1.64
CA GLN B 200 5.64 47.31 -2.60
C GLN B 200 4.79 47.52 -3.84
N THR B 201 4.10 46.48 -4.28
CA THR B 201 3.28 46.58 -5.48
C THR B 201 1.96 47.32 -5.25
N MET B 202 1.20 46.91 -4.23
CA MET B 202 -0.11 47.52 -3.96
C MET B 202 -0.09 49.05 -3.88
N PRO B 203 0.87 49.64 -3.16
CA PRO B 203 0.86 51.10 -3.13
C PRO B 203 0.81 51.69 -4.55
N GLN B 204 1.58 51.11 -5.48
CA GLN B 204 1.57 51.57 -6.88
C GLN B 204 0.22 51.27 -7.55
N VAL B 205 -0.35 50.11 -7.27
CA VAL B 205 -1.63 49.71 -7.85
C VAL B 205 -2.71 50.73 -7.47
N ALA B 206 -2.63 51.21 -6.23
CA ALA B 206 -3.58 52.17 -5.71
C ALA B 206 -3.41 53.51 -6.42
N ALA B 207 -2.15 53.88 -6.67
CA ALA B 207 -1.86 55.11 -7.37
C ALA B 207 -2.52 55.06 -8.74
N LYS B 208 -2.66 53.85 -9.29
CA LYS B 208 -3.27 53.65 -10.60
C LYS B 208 -4.77 53.44 -10.52
N LEU B 209 -5.25 52.91 -9.40
CA LEU B 209 -6.67 52.65 -9.28
C LEU B 209 -7.47 53.81 -8.68
N GLY B 210 -6.81 54.65 -7.89
CA GLY B 210 -7.48 55.79 -7.28
C GLY B 210 -8.74 55.49 -6.47
N ASP B 211 -9.76 56.34 -6.68
CA ASP B 211 -11.04 56.23 -5.98
C ASP B 211 -11.95 55.07 -6.38
N SER B 212 -11.54 54.24 -7.33
CA SER B 212 -12.40 53.14 -7.72
C SER B 212 -12.35 52.03 -6.67
N VAL B 213 -11.37 52.10 -5.77
CA VAL B 213 -11.25 51.06 -4.73
C VAL B 213 -10.79 51.57 -3.37
N THR B 214 -11.14 50.83 -2.33
CA THR B 214 -10.73 51.16 -0.97
C THR B 214 -9.94 49.95 -0.45
N ILE B 215 -8.72 50.19 0.00
CA ILE B 215 -7.82 49.12 0.44
C ILE B 215 -7.58 48.96 1.94
N TRP B 216 -7.52 47.70 2.37
CA TRP B 216 -7.19 47.35 3.75
C TRP B 216 -5.99 46.43 3.56
N HIS B 217 -4.80 46.96 3.84
CA HIS B 217 -3.54 46.26 3.67
C HIS B 217 -2.89 45.74 4.95
N GLN B 218 -2.68 44.42 5.03
CA GLN B 218 -2.02 43.78 6.17
C GLN B 218 -0.55 43.62 5.78
N SER B 219 0.31 44.43 6.38
CA SER B 219 1.75 44.44 6.06
C SER B 219 2.68 43.47 6.76
N GLY B 220 2.21 42.79 7.80
CA GLY B 220 3.10 41.90 8.51
C GLY B 220 3.80 42.73 9.58
N LYS B 221 4.39 42.06 10.57
CA LYS B 221 5.06 42.76 11.65
C LYS B 221 6.27 43.59 11.22
N GLY B 222 6.37 44.81 11.76
CA GLY B 222 7.47 45.69 11.45
C GLY B 222 7.48 46.43 10.12
N SER B 223 6.35 46.47 9.42
CA SER B 223 6.29 47.15 8.14
C SER B 223 5.07 48.05 7.97
N GLN B 224 4.40 48.40 9.08
CA GLN B 224 3.22 49.24 8.97
C GLN B 224 3.56 50.64 8.46
N GLN B 225 4.46 51.32 9.16
CA GLN B 225 4.85 52.67 8.76
C GLN B 225 5.44 52.68 7.36
N SER B 226 6.29 51.72 7.05
CA SER B 226 6.91 51.63 5.74
C SER B 226 5.84 51.63 4.64
N VAL B 227 4.92 50.67 4.72
CA VAL B 227 3.84 50.58 3.72
C VAL B 227 2.97 51.83 3.72
N GLU B 228 2.62 52.34 4.91
CA GLU B 228 1.80 53.56 5.00
C GLU B 228 2.46 54.70 4.23
N GLN B 229 3.75 54.91 4.47
CA GLN B 229 4.49 55.96 3.80
C GLN B 229 4.39 55.77 2.29
N ALA B 230 4.54 54.52 1.85
CA ALA B 230 4.46 54.20 0.43
C ALA B 230 3.09 54.54 -0.14
N TYR B 231 2.04 54.37 0.65
CA TYR B 231 0.69 54.72 0.16
C TYR B 231 0.61 56.25 0.09
N ALA B 232 1.28 56.91 1.02
CA ALA B 232 1.29 58.36 1.05
C ALA B 232 1.83 58.88 -0.29
N GLU B 233 2.95 58.31 -0.72
CA GLU B 233 3.57 58.70 -1.98
C GLU B 233 2.55 58.67 -3.12
N ALA B 234 1.93 57.51 -3.32
CA ALA B 234 0.95 57.35 -4.39
C ALA B 234 -0.18 58.37 -4.31
N GLY B 235 -0.25 59.08 -3.19
CA GLY B 235 -1.31 60.05 -3.01
C GLY B 235 -2.59 59.34 -2.65
N GLN B 236 -2.47 58.33 -1.80
CA GLN B 236 -3.62 57.56 -1.35
C GLN B 236 -3.45 57.27 0.13
N PRO B 237 -3.41 58.32 0.96
CA PRO B 237 -3.24 58.23 2.42
C PRO B 237 -4.42 57.60 3.15
N GLN B 238 -5.59 57.63 2.52
CA GLN B 238 -6.79 57.09 3.14
C GLN B 238 -6.80 55.59 3.42
N HIS B 239 -6.13 54.79 2.60
CA HIS B 239 -6.15 53.35 2.83
C HIS B 239 -5.64 52.95 4.23
N LYS B 240 -6.19 51.84 4.73
CA LYS B 240 -5.86 51.32 6.05
C LYS B 240 -4.72 50.34 5.92
N VAL B 241 -3.81 50.41 6.87
CA VAL B 241 -2.65 49.53 6.89
C VAL B 241 -2.55 48.97 8.30
N THR B 242 -2.57 47.63 8.42
CA THR B 242 -2.48 46.94 9.70
C THR B 242 -1.34 45.93 9.68
N GLU B 243 -0.66 45.77 10.81
CA GLU B 243 0.45 44.81 10.88
C GLU B 243 -0.07 43.38 10.78
N PHE B 244 -1.04 43.05 11.63
CA PHE B 244 -1.65 41.73 11.65
C PHE B 244 -3.10 41.79 12.12
N ILE B 245 -4.02 41.48 11.20
CA ILE B 245 -5.44 41.51 11.51
C ILE B 245 -5.83 40.42 12.50
N ASP B 246 -6.24 40.81 13.71
CA ASP B 246 -6.66 39.85 14.74
C ASP B 246 -7.95 39.14 14.35
N ASP B 247 -8.93 39.91 13.93
CA ASP B 247 -10.22 39.37 13.51
C ASP B 247 -10.24 39.20 11.99
N MET B 248 -9.63 38.11 11.51
CA MET B 248 -9.58 37.83 10.09
C MET B 248 -10.98 37.64 9.50
N ALA B 249 -11.91 37.16 10.32
CA ALA B 249 -13.29 36.94 9.86
C ALA B 249 -13.95 38.25 9.46
N ALA B 250 -13.85 39.26 10.30
CA ALA B 250 -14.45 40.55 9.98
C ALA B 250 -13.84 41.09 8.69
N ALA B 251 -12.52 40.93 8.52
CA ALA B 251 -11.87 41.42 7.29
C ALA B 251 -12.37 40.66 6.05
N TYR B 252 -12.49 39.35 6.16
CA TYR B 252 -12.98 38.55 5.04
C TYR B 252 -14.40 38.96 4.67
N ALA B 253 -15.25 39.15 5.68
CA ALA B 253 -16.64 39.53 5.47
C ALA B 253 -16.75 40.90 4.83
N TRP B 254 -15.78 41.76 5.13
CA TRP B 254 -15.75 43.10 4.60
C TRP B 254 -15.31 43.16 3.13
N ALA B 255 -14.32 42.35 2.79
CA ALA B 255 -13.76 42.33 1.44
C ALA B 255 -14.71 41.97 0.32
N ASP B 256 -14.47 42.61 -0.82
CA ASP B 256 -15.26 42.35 -2.03
C ASP B 256 -14.38 41.44 -2.86
N VAL B 257 -13.08 41.53 -2.59
CA VAL B 257 -12.07 40.76 -3.27
C VAL B 257 -10.82 40.75 -2.40
N VAL B 258 -9.97 39.74 -2.59
CA VAL B 258 -8.73 39.60 -1.84
C VAL B 258 -7.50 39.37 -2.73
N VAL B 259 -6.40 40.01 -2.35
CA VAL B 259 -5.13 39.88 -3.05
C VAL B 259 -4.25 39.31 -1.95
N CYS B 260 -3.80 38.07 -2.11
CA CYS B 260 -2.99 37.44 -1.07
C CYS B 260 -2.15 36.23 -1.48
N ARG B 261 -1.38 35.70 -0.52
CA ARG B 261 -0.55 34.53 -0.74
C ARG B 261 -1.41 33.27 -0.69
N SER B 262 -0.90 32.17 -1.22
CA SER B 262 -1.66 30.92 -1.29
C SER B 262 -1.36 29.86 -0.24
N GLY B 263 -1.02 30.27 0.97
CA GLY B 263 -0.76 29.31 2.04
C GLY B 263 -1.99 28.42 2.18
N ALA B 264 -1.78 27.13 2.42
CA ALA B 264 -2.85 26.14 2.54
C ALA B 264 -4.12 26.53 3.31
N LEU B 265 -3.98 26.99 4.55
CA LEU B 265 -5.11 27.40 5.36
C LEU B 265 -5.83 28.62 4.79
N THR B 266 -5.05 29.61 4.36
CA THR B 266 -5.63 30.82 3.82
C THR B 266 -6.52 30.52 2.62
N VAL B 267 -6.16 29.50 1.86
CA VAL B 267 -6.95 29.13 0.68
C VAL B 267 -8.28 28.51 1.09
N SER B 268 -8.23 27.60 2.06
CA SER B 268 -9.45 26.97 2.52
C SER B 268 -10.39 28.01 3.13
N GLU B 269 -9.81 29.03 3.80
CA GLU B 269 -10.62 30.07 4.40
C GLU B 269 -11.35 30.88 3.34
N ILE B 270 -10.59 31.34 2.36
CA ILE B 270 -11.17 32.12 1.27
C ILE B 270 -12.30 31.36 0.57
N ALA B 271 -12.13 30.05 0.40
CA ALA B 271 -13.15 29.23 -0.26
C ALA B 271 -14.42 29.11 0.59
N ALA B 272 -14.25 28.81 1.87
CA ALA B 272 -15.40 28.66 2.75
C ALA B 272 -16.11 29.99 2.95
N ALA B 273 -15.36 31.09 2.97
CA ALA B 273 -15.97 32.40 3.15
C ALA B 273 -16.69 32.85 1.89
N GLY B 274 -16.28 32.30 0.75
CA GLY B 274 -16.90 32.67 -0.50
C GLY B 274 -16.39 34.04 -0.91
N LEU B 275 -15.11 34.08 -1.31
CA LEU B 275 -14.47 35.32 -1.72
C LEU B 275 -13.66 35.15 -2.99
N PRO B 276 -13.70 36.16 -3.88
CA PRO B 276 -12.97 36.22 -5.16
C PRO B 276 -11.51 36.49 -4.81
N ALA B 277 -10.57 35.84 -5.50
CA ALA B 277 -9.18 36.05 -5.16
C ALA B 277 -8.16 36.22 -6.29
N LEU B 278 -7.11 36.97 -5.97
CA LEU B 278 -5.99 37.18 -6.86
C LEU B 278 -4.84 36.57 -6.07
N PHE B 279 -4.49 35.33 -6.39
CA PHE B 279 -3.43 34.61 -5.70
C PHE B 279 -2.01 34.86 -6.21
N VAL B 280 -1.14 35.25 -5.30
CA VAL B 280 0.26 35.53 -5.61
C VAL B 280 1.16 34.58 -4.80
N PRO B 281 1.22 33.31 -5.22
CA PRO B 281 2.00 32.23 -4.60
C PRO B 281 3.40 32.60 -4.14
N PHE B 282 3.78 32.10 -2.98
CA PHE B 282 5.11 32.34 -2.44
C PHE B 282 6.12 31.75 -3.42
N GLN B 283 6.94 32.58 -4.04
CA GLN B 283 7.91 32.07 -5.00
C GLN B 283 8.80 31.00 -4.37
N HIS B 284 8.74 29.79 -4.92
CA HIS B 284 9.54 28.67 -4.42
C HIS B 284 9.71 27.59 -5.48
N LYS B 285 10.75 26.77 -5.32
CA LYS B 285 11.06 25.70 -6.27
C LYS B 285 10.01 24.59 -6.32
N ASP B 286 9.43 24.25 -5.17
CA ASP B 286 8.42 23.21 -5.10
C ASP B 286 7.08 23.72 -5.63
N ARG B 287 6.92 25.04 -5.66
CA ARG B 287 5.69 25.66 -6.15
C ARG B 287 4.49 25.19 -5.33
N GLN B 288 4.73 24.90 -4.06
CA GLN B 288 3.68 24.44 -3.17
C GLN B 288 2.42 25.32 -3.22
N GLN B 289 2.59 26.60 -2.88
CA GLN B 289 1.47 27.56 -2.87
C GLN B 289 0.78 27.69 -4.22
N TYR B 290 1.50 27.43 -5.30
CA TYR B 290 0.85 27.51 -6.61
C TYR B 290 -0.21 26.41 -6.65
N TRP B 291 0.19 25.20 -6.29
CA TRP B 291 -0.73 24.06 -6.30
C TRP B 291 -1.90 24.19 -5.33
N ASN B 292 -1.68 24.84 -4.19
CA ASN B 292 -2.75 25.06 -3.22
C ASN B 292 -3.86 25.91 -3.84
N ALA B 293 -3.50 26.84 -4.71
CA ALA B 293 -4.47 27.73 -5.33
C ALA B 293 -5.19 27.29 -6.61
N LEU B 294 -4.60 26.34 -7.32
CA LEU B 294 -5.16 25.88 -8.60
C LEU B 294 -6.63 25.47 -8.57
N PRO B 295 -7.05 24.69 -7.57
CA PRO B 295 -8.46 24.32 -7.57
C PRO B 295 -9.43 25.51 -7.64
N LEU B 296 -9.11 26.60 -6.96
CA LEU B 296 -9.98 27.78 -6.98
C LEU B 296 -10.02 28.44 -8.36
N GLU B 297 -8.87 28.43 -9.04
CA GLU B 297 -8.78 29.03 -10.35
C GLU B 297 -9.53 28.15 -11.36
N LYS B 298 -9.32 26.85 -11.28
CA LYS B 298 -9.98 25.92 -12.20
C LYS B 298 -11.49 26.12 -12.18
N ALA B 299 -12.03 26.46 -11.02
CA ALA B 299 -13.47 26.69 -10.89
C ALA B 299 -13.75 28.14 -11.29
N GLY B 300 -12.70 28.88 -11.59
CA GLY B 300 -12.85 30.28 -11.97
C GLY B 300 -13.38 31.14 -10.83
N ALA B 301 -12.95 30.82 -9.61
CA ALA B 301 -13.38 31.57 -8.44
C ALA B 301 -12.27 32.54 -8.12
N ALA B 302 -11.09 32.28 -8.66
CA ALA B 302 -9.93 33.12 -8.44
C ALA B 302 -9.07 33.18 -9.71
N LYS B 303 -7.95 33.89 -9.61
CA LYS B 303 -7.01 34.05 -10.71
C LYS B 303 -5.62 34.07 -10.10
N ILE B 304 -4.68 33.29 -10.67
CA ILE B 304 -3.31 33.22 -10.14
C ILE B 304 -2.28 34.01 -10.94
N ILE B 305 -1.27 34.52 -10.23
CA ILE B 305 -0.18 35.29 -10.83
C ILE B 305 1.06 35.05 -9.99
N GLU B 306 1.92 34.15 -10.45
CA GLU B 306 3.15 33.86 -9.72
C GLU B 306 4.02 35.12 -9.75
N GLN B 307 4.94 35.22 -8.80
CA GLN B 307 5.81 36.38 -8.72
C GLN B 307 6.47 36.76 -10.04
N PRO B 308 7.02 35.77 -10.77
CA PRO B 308 7.66 36.07 -12.04
C PRO B 308 6.82 36.91 -13.01
N GLN B 309 5.52 36.63 -13.06
CA GLN B 309 4.61 37.35 -13.96
C GLN B 309 3.87 38.50 -13.24
N LEU B 310 4.19 38.69 -11.97
CA LEU B 310 3.55 39.71 -11.15
C LEU B 310 4.05 41.14 -11.37
N SER B 311 3.16 41.99 -11.86
CA SER B 311 3.50 43.39 -12.08
C SER B 311 2.36 44.33 -11.72
N VAL B 312 2.72 45.52 -11.27
CA VAL B 312 1.77 46.56 -10.91
C VAL B 312 0.54 46.55 -11.82
N ASP B 313 0.78 46.66 -13.13
CA ASP B 313 -0.31 46.69 -14.10
C ASP B 313 -1.13 45.40 -14.25
N ALA B 314 -0.48 44.25 -14.14
CA ALA B 314 -1.21 43.01 -14.26
C ALA B 314 -2.26 43.01 -13.14
N VAL B 315 -1.86 43.44 -11.95
CA VAL B 315 -2.76 43.50 -10.80
C VAL B 315 -3.88 44.51 -11.02
N ALA B 316 -3.51 45.72 -11.40
CA ALA B 316 -4.47 46.80 -11.65
C ALA B 316 -5.49 46.42 -12.73
N ASN B 317 -4.98 46.00 -13.88
CA ASN B 317 -5.86 45.62 -14.99
C ASN B 317 -6.77 44.49 -14.55
N THR B 318 -6.19 43.49 -13.89
CA THR B 318 -6.95 42.34 -13.40
C THR B 318 -8.07 42.84 -12.51
N LEU B 319 -7.74 43.71 -11.56
CA LEU B 319 -8.74 44.25 -10.65
C LEU B 319 -9.73 45.13 -11.39
N ALA B 320 -9.21 45.92 -12.31
CA ALA B 320 -10.05 46.82 -13.09
C ALA B 320 -11.08 46.05 -13.91
N GLY B 321 -10.70 44.85 -14.35
CA GLY B 321 -11.59 44.04 -15.15
C GLY B 321 -12.68 43.31 -14.40
N TRP B 322 -12.56 43.24 -13.08
CA TRP B 322 -13.57 42.54 -12.30
C TRP B 322 -14.69 43.47 -11.84
N SER B 323 -15.84 43.35 -12.49
CA SER B 323 -16.99 44.16 -12.16
C SER B 323 -17.59 43.70 -10.83
N ARG B 324 -18.52 44.49 -10.31
CA ARG B 324 -19.19 44.17 -9.06
C ARG B 324 -20.08 42.93 -9.25
N GLU B 325 -20.58 42.76 -10.46
CA GLU B 325 -21.46 41.63 -10.77
C GLU B 325 -20.68 40.32 -10.94
N THR B 326 -19.61 40.36 -11.72
CA THR B 326 -18.82 39.15 -11.93
C THR B 326 -18.22 38.70 -10.59
N LEU B 327 -17.86 39.68 -9.76
CA LEU B 327 -17.30 39.42 -8.43
C LEU B 327 -18.25 38.57 -7.59
N LEU B 328 -19.54 38.86 -7.68
CA LEU B 328 -20.52 38.09 -6.91
C LEU B 328 -20.68 36.67 -7.46
N THR B 329 -20.26 36.44 -8.70
CA THR B 329 -20.36 35.11 -9.29
C THR B 329 -19.17 34.29 -8.81
N MET B 330 -18.00 34.93 -8.78
CA MET B 330 -16.79 34.28 -8.33
C MET B 330 -16.95 33.84 -6.88
N ALA B 331 -17.53 34.71 -6.07
CA ALA B 331 -17.77 34.43 -4.66
C ALA B 331 -18.64 33.17 -4.54
N GLU B 332 -19.65 33.09 -5.39
CA GLU B 332 -20.57 31.96 -5.37
C GLU B 332 -19.89 30.63 -5.75
N ARG B 333 -18.99 30.66 -6.73
CA ARG B 333 -18.28 29.44 -7.13
C ARG B 333 -17.13 29.14 -6.16
N ALA B 334 -16.66 30.17 -5.47
CA ALA B 334 -15.61 29.97 -4.49
C ALA B 334 -16.24 29.10 -3.41
N ARG B 335 -17.40 29.53 -2.94
CA ARG B 335 -18.09 28.79 -1.90
C ARG B 335 -18.44 27.41 -2.44
N ALA B 336 -19.04 27.38 -3.62
CA ALA B 336 -19.45 26.11 -4.22
C ALA B 336 -18.33 25.09 -4.35
N ALA B 337 -17.09 25.56 -4.32
CA ALA B 337 -15.94 24.67 -4.47
C ALA B 337 -15.22 24.39 -3.15
N SER B 338 -15.78 24.89 -2.05
CA SER B 338 -15.17 24.71 -0.73
C SER B 338 -15.66 23.46 -0.02
N ILE B 339 -14.87 22.99 0.94
CA ILE B 339 -15.23 21.81 1.71
C ILE B 339 -15.36 22.21 3.19
N PRO B 340 -16.47 22.88 3.54
CA PRO B 340 -16.84 23.38 4.87
C PRO B 340 -16.74 22.42 6.04
N ASP B 341 -16.99 21.14 5.78
CA ASP B 341 -16.98 20.10 6.82
C ASP B 341 -15.74 19.19 6.78
N ALA B 342 -14.57 19.79 6.63
CA ALA B 342 -13.34 19.01 6.57
C ALA B 342 -13.05 18.34 7.91
N THR B 343 -13.09 19.13 8.97
CA THR B 343 -12.83 18.66 10.31
C THR B 343 -13.68 17.44 10.61
N GLU B 344 -14.90 17.42 10.08
CA GLU B 344 -15.84 16.32 10.29
C GLU B 344 -15.51 15.13 9.41
N ARG B 345 -15.11 15.37 8.17
CA ARG B 345 -14.78 14.26 7.30
C ARG B 345 -13.58 13.51 7.83
N VAL B 346 -12.51 14.25 8.13
CA VAL B 346 -11.30 13.64 8.65
C VAL B 346 -11.62 12.93 9.96
N ALA B 347 -12.34 13.59 10.85
CA ALA B 347 -12.71 12.97 12.12
C ALA B 347 -13.45 11.65 11.87
N ASN B 348 -14.39 11.65 10.92
CA ASN B 348 -15.15 10.44 10.63
C ASN B 348 -14.27 9.31 10.09
N GLU B 349 -13.34 9.65 9.20
CA GLU B 349 -12.43 8.64 8.63
C GLU B 349 -11.62 8.03 9.74
N VAL B 350 -11.16 8.86 10.65
CA VAL B 350 -10.37 8.39 11.79
C VAL B 350 -11.18 7.42 12.63
N SER B 351 -12.44 7.74 12.85
CA SER B 351 -13.32 6.87 13.63
C SER B 351 -13.58 5.61 12.83
N ARG B 352 -13.94 5.78 11.55
CA ARG B 352 -14.24 4.65 10.68
C ARG B 352 -13.12 3.61 10.78
N VAL B 353 -11.89 4.05 10.57
CA VAL B 353 -10.73 3.15 10.63
C VAL B 353 -10.60 2.49 12.00
N ALA B 354 -10.60 3.30 13.04
CA ALA B 354 -10.47 2.80 14.41
C ALA B 354 -11.32 1.56 14.67
N ARG B 355 -12.55 1.54 14.13
CA ARG B 355 -13.44 0.40 14.34
C ARG B 355 -13.04 -0.77 13.44
N ALA B 356 -12.37 -1.74 14.05
CA ALA B 356 -11.90 -2.94 13.37
C ALA B 356 -11.47 -3.95 14.42
#